data_7OWR
#
_entry.id   7OWR
#
_cell.length_a   90.384
_cell.length_b   61.363
_cell.length_c   158.871
_cell.angle_alpha   90.000
_cell.angle_beta   90.100
_cell.angle_gamma   90.000
#
_symmetry.space_group_name_H-M   'C 1 2 1'
#
loop_
_entity.id
_entity.type
_entity.pdbx_description
1 polymer 'Glycylpeptide N-tetradecanoyltransferase 1'
2 polymer GLY-GLY-LYS-SER-PHE-SER-LYS-PRO-ARG
3 non-polymer GLYCEROL
4 non-polymer TETRADECANOYL-COA
5 water water
#
loop_
_entity_poly.entity_id
_entity_poly.type
_entity_poly.pdbx_seq_one_letter_code
_entity_poly.pdbx_strand_id
1 'polypeptide(L)'
;GGSEFSVGQGPAKTMEEASKRSYQFWDTQPVPKLGEVVNTHGPVEPDKDNIRQEPYTLPQGFTWDALDLGDRGVLKELYT
LLNENYVEDDDNMFRFDYSPEFLLWALRPPGWLPQWHCGVRVVSSRKLVGFISAIPANIHIYDTEKKMVEINFLCVHKKL
RSKRVAPVLIREITRRVHLEGIFQAVYTAGVVLPKPVGTCRYWHRSLNPRKLIEVKFSHLSRNMTMQRTMKLYRLPETPK
TAGLRPMETKDIPVVHQLLTRYLKQFHLTPVMSQEEVEHWFYPQENIIDTFVVENANGEVTDFLSFYTLPSTIMNHPTHK
SLKAAYSFYNVHTQTPLLDLMSDALVLAKMKGFDVFNALDLMENKTFLEKLKFGIGDGNLQYYLYNWKCPSMGAEKVGLV
LQ
;
A,B
2 'polypeptide(L)' GGKSFSKPR E
#
loop_
_chem_comp.id
_chem_comp.type
_chem_comp.name
_chem_comp.formula
GOL non-polymer GLYCEROL 'C3 H8 O3'
MYA non-polymer TETRADECANOYL-COA 'C35 H62 N7 O17 P3 S'
#
# COMPACT_ATOMS: atom_id res chain seq x y z
N ALA A 12 -33.52 6.02 -8.22
CA ALA A 12 -33.47 7.07 -9.23
C ALA A 12 -32.56 6.68 -10.39
N LYS A 13 -33.04 6.88 -11.62
CA LYS A 13 -32.26 6.61 -12.81
C LYS A 13 -31.78 7.87 -13.52
N THR A 14 -32.51 8.97 -13.39
CA THR A 14 -32.04 10.29 -13.77
C THR A 14 -32.02 11.17 -12.53
N MET A 15 -31.55 12.41 -12.69
CA MET A 15 -31.39 13.28 -11.52
C MET A 15 -32.69 13.97 -11.09
N GLU A 16 -33.75 13.97 -11.92
CA GLU A 16 -35.03 14.47 -11.45
C GLU A 16 -35.81 13.38 -10.72
N GLU A 17 -35.58 12.14 -11.10
CA GLU A 17 -35.97 11.02 -10.26
C GLU A 17 -35.35 11.18 -8.88
N ALA A 18 -34.05 11.49 -8.83
CA ALA A 18 -33.38 11.73 -7.56
C ALA A 18 -33.80 13.05 -6.91
N SER A 19 -34.35 13.99 -7.69
CA SER A 19 -34.85 15.23 -7.10
C SER A 19 -36.05 15.00 -6.20
N LYS A 20 -36.75 13.88 -6.35
CA LYS A 20 -37.98 13.60 -5.64
C LYS A 20 -37.83 12.55 -4.54
N ARG A 21 -36.61 12.15 -4.22
CA ARG A 21 -36.38 11.00 -3.35
C ARG A 21 -35.69 11.39 -2.05
N SER A 22 -35.98 10.61 -1.01
CA SER A 22 -35.32 10.70 0.29
C SER A 22 -34.19 9.69 0.35
N TYR A 23 -33.02 10.12 0.82
CA TYR A 23 -31.84 9.27 0.93
C TYR A 23 -31.51 9.08 2.41
N GLN A 24 -32.25 8.15 3.04
CA GLN A 24 -32.10 7.94 4.47
C GLN A 24 -30.66 7.55 4.83
N PHE A 25 -30.07 6.63 4.06
CA PHE A 25 -28.72 6.19 4.39
C PHE A 25 -27.67 7.17 3.88
N TRP A 26 -27.78 7.59 2.61
CA TRP A 26 -26.72 8.38 2.01
C TRP A 26 -26.64 9.80 2.58
N ASP A 27 -27.70 10.28 3.24
CA ASP A 27 -27.62 11.58 3.89
C ASP A 27 -26.73 11.54 5.13
N THR A 28 -26.51 10.35 5.71
CA THR A 28 -25.61 10.19 6.84
C THR A 28 -24.16 10.01 6.43
N GLN A 29 -23.87 9.84 5.12
CA GLN A 29 -22.54 9.53 4.63
C GLN A 29 -21.80 10.81 4.22
N PRO A 30 -20.47 10.81 4.30
CA PRO A 30 -19.68 11.99 3.90
C PRO A 30 -19.58 12.15 2.38
N VAL A 31 -20.72 12.38 1.74
CA VAL A 31 -20.75 12.73 0.31
C VAL A 31 -21.63 13.96 0.14
N PRO A 32 -21.38 14.80 -0.86
CA PRO A 32 -22.19 16.01 -1.04
C PRO A 32 -23.66 15.70 -1.25
N LYS A 33 -24.51 16.65 -0.89
CA LYS A 33 -25.93 16.56 -1.22
C LYS A 33 -26.13 16.74 -2.73
N LEU A 34 -27.15 16.08 -3.27
CA LEU A 34 -27.43 16.21 -4.69
C LEU A 34 -27.77 17.65 -5.06
N GLY A 35 -28.54 18.33 -4.20
CA GLY A 35 -28.97 19.68 -4.52
C GLY A 35 -27.84 20.68 -4.53
N GLU A 36 -26.89 20.53 -3.59
CA GLU A 36 -25.83 21.53 -3.47
C GLU A 36 -24.97 21.57 -4.73
N VAL A 37 -24.50 22.77 -5.05
CA VAL A 37 -23.49 22.96 -6.08
C VAL A 37 -22.13 22.98 -5.41
N VAL A 38 -21.21 22.17 -5.93
CA VAL A 38 -19.95 21.89 -5.24
C VAL A 38 -18.81 22.59 -5.98
N ASN A 39 -18.25 23.62 -5.35
CA ASN A 39 -16.86 23.99 -5.58
C ASN A 39 -16.18 24.05 -4.23
N THR A 40 -15.30 23.08 -4.00
CA THR A 40 -14.36 22.90 -2.92
C THR A 40 -13.46 21.77 -3.38
N HIS A 41 -12.32 21.62 -2.74
CA HIS A 41 -11.46 20.48 -3.03
C HIS A 41 -10.96 19.88 -1.72
N GLY A 42 -11.30 18.63 -1.48
CA GLY A 42 -10.81 17.92 -0.32
C GLY A 42 -11.86 17.05 0.33
N PRO A 43 -11.53 16.53 1.52
CA PRO A 43 -12.41 15.59 2.20
C PRO A 43 -13.68 16.25 2.70
N VAL A 44 -14.76 15.47 2.73
CA VAL A 44 -16.01 15.93 3.33
C VAL A 44 -15.90 16.00 4.85
N GLU A 45 -15.09 15.13 5.44
CA GLU A 45 -14.91 15.07 6.88
C GLU A 45 -13.46 14.73 7.19
N PRO A 46 -13.00 15.06 8.39
CA PRO A 46 -11.65 14.62 8.80
C PRO A 46 -11.62 13.14 9.12
N ASP A 47 -10.44 12.54 8.90
CA ASP A 47 -10.26 11.13 9.20
C ASP A 47 -10.45 10.86 10.69
N LYS A 48 -11.18 9.80 11.01
CA LYS A 48 -11.34 9.36 12.39
C LYS A 48 -10.15 8.47 12.76
N ASP A 49 -9.45 8.83 13.85
CA ASP A 49 -8.22 8.14 14.25
C ASP A 49 -8.46 7.05 15.28
N ASN A 50 -9.70 6.66 15.54
CA ASN A 50 -9.98 5.44 16.28
C ASN A 50 -11.19 4.77 15.64
N ILE A 51 -11.02 3.53 15.20
CA ILE A 51 -11.96 2.86 14.31
C ILE A 51 -12.61 1.70 15.05
N ARG A 52 -13.91 1.53 14.81
CA ARG A 52 -14.67 0.39 15.30
C ARG A 52 -13.98 -0.93 14.97
N GLN A 53 -13.70 -1.73 16.00
CA GLN A 53 -13.08 -3.04 15.80
C GLN A 53 -14.10 -4.13 15.52
N GLU A 54 -15.31 -3.99 16.05
CA GLU A 54 -16.37 -4.98 15.91
C GLU A 54 -17.03 -4.84 14.54
N PRO A 55 -17.29 -5.94 13.84
CA PRO A 55 -18.04 -5.85 12.58
C PRO A 55 -19.46 -5.36 12.84
N TYR A 56 -20.04 -4.72 11.84
CA TYR A 56 -21.38 -4.19 11.99
C TYR A 56 -22.40 -5.32 12.09
N THR A 57 -23.48 -5.05 12.82
CA THR A 57 -24.51 -6.06 13.04
C THR A 57 -25.31 -6.28 11.76
N LEU A 58 -25.44 -7.55 11.38
CA LEU A 58 -26.31 -7.97 10.30
C LEU A 58 -27.67 -8.36 10.87
N PRO A 59 -28.71 -8.45 10.02
CA PRO A 59 -29.97 -9.02 10.49
C PRO A 59 -29.76 -10.43 11.02
N GLN A 60 -30.62 -10.84 11.96
CA GLN A 60 -30.45 -12.14 12.58
C GLN A 60 -30.66 -13.24 11.55
N GLY A 61 -29.82 -14.27 11.62
CA GLY A 61 -29.79 -15.32 10.62
C GLY A 61 -28.74 -15.13 9.54
N PHE A 62 -27.92 -14.08 9.63
CA PHE A 62 -26.89 -13.78 8.66
C PHE A 62 -25.58 -13.44 9.36
N THR A 63 -24.47 -13.77 8.70
CA THR A 63 -23.15 -13.63 9.31
C THR A 63 -22.14 -13.25 8.24
N TRP A 64 -21.08 -12.58 8.69
CA TRP A 64 -20.00 -12.19 7.80
C TRP A 64 -19.10 -13.40 7.49
N ASP A 65 -18.64 -13.47 6.25
CA ASP A 65 -17.60 -14.43 5.88
C ASP A 65 -16.74 -13.80 4.79
N ALA A 66 -15.45 -13.67 5.06
CA ALA A 66 -14.49 -13.22 4.07
C ALA A 66 -14.20 -14.37 3.10
N LEU A 67 -14.41 -14.13 1.81
CA LEU A 67 -14.35 -15.19 0.80
C LEU A 67 -12.92 -15.36 0.31
N ASP A 68 -12.40 -16.58 0.43
CA ASP A 68 -11.10 -16.94 -0.12
C ASP A 68 -11.31 -17.37 -1.57
N LEU A 69 -11.05 -16.46 -2.50
CA LEU A 69 -11.26 -16.72 -3.91
C LEU A 69 -10.20 -17.65 -4.50
N GLY A 70 -9.10 -17.91 -3.78
CA GLY A 70 -8.19 -18.97 -4.17
C GLY A 70 -8.73 -20.36 -3.93
N ASP A 71 -9.83 -20.48 -3.19
CA ASP A 71 -10.53 -21.75 -3.02
C ASP A 71 -11.56 -21.86 -4.15
N ARG A 72 -11.40 -22.89 -4.98
CA ARG A 72 -12.24 -23.02 -6.18
C ARG A 72 -13.72 -23.12 -5.83
N GLY A 73 -14.05 -23.76 -4.70
CA GLY A 73 -15.45 -23.88 -4.32
C GLY A 73 -16.05 -22.56 -3.89
N VAL A 74 -15.26 -21.72 -3.21
CA VAL A 74 -15.77 -20.43 -2.76
C VAL A 74 -15.89 -19.46 -3.92
N LEU A 75 -14.92 -19.50 -4.85
CA LEU A 75 -15.04 -18.70 -6.07
C LEU A 75 -16.28 -19.08 -6.85
N LYS A 76 -16.62 -20.38 -6.89
CA LYS A 76 -17.82 -20.80 -7.59
C LYS A 76 -19.08 -20.34 -6.87
N GLU A 77 -19.06 -20.35 -5.54
CA GLU A 77 -20.17 -19.76 -4.78
C GLU A 77 -20.36 -18.30 -5.15
N LEU A 78 -19.26 -17.56 -5.33
CA LEU A 78 -19.37 -16.15 -5.65
C LEU A 78 -19.88 -15.95 -7.07
N TYR A 79 -19.31 -16.70 -8.02
N TYR A 79 -19.38 -16.72 -8.05
CA TYR A 79 -19.77 -16.67 -9.41
CA TYR A 79 -19.85 -16.48 -9.40
C TYR A 79 -21.28 -16.89 -9.48
C TYR A 79 -21.27 -17.00 -9.61
N THR A 80 -21.76 -17.90 -8.76
CA THR A 80 -23.17 -18.26 -8.81
C THR A 80 -24.05 -17.14 -8.27
N LEU A 81 -23.62 -16.51 -7.17
CA LEU A 81 -24.36 -15.38 -6.63
C LEU A 81 -24.47 -14.25 -7.64
N LEU A 82 -23.36 -13.92 -8.30
CA LEU A 82 -23.38 -12.81 -9.25
C LEU A 82 -24.09 -13.20 -10.55
N ASN A 83 -23.93 -14.46 -10.98
CA ASN A 83 -24.61 -14.90 -12.20
C ASN A 83 -26.12 -14.81 -12.05
N GLU A 84 -26.65 -15.01 -10.84
CA GLU A 84 -28.09 -15.09 -10.63
C GLU A 84 -28.67 -13.84 -9.99
N ASN A 85 -27.85 -12.93 -9.45
CA ASN A 85 -28.38 -11.81 -8.68
C ASN A 85 -27.73 -10.47 -8.97
N TYR A 86 -26.78 -10.38 -9.90
CA TYR A 86 -26.05 -9.14 -10.08
C TYR A 86 -26.74 -8.28 -11.15
N VAL A 87 -26.01 -7.30 -11.69
CA VAL A 87 -26.63 -6.21 -12.45
C VAL A 87 -27.36 -6.75 -13.67
N GLU A 88 -28.59 -6.29 -13.86
CA GLU A 88 -29.39 -6.57 -15.03
C GLU A 88 -29.46 -5.30 -15.89
N ASP A 89 -30.01 -5.46 -17.09
CA ASP A 89 -30.32 -4.31 -17.92
C ASP A 89 -31.59 -3.62 -17.42
N ASP A 90 -31.84 -2.42 -17.94
CA ASP A 90 -33.04 -1.70 -17.55
C ASP A 90 -34.30 -2.45 -17.95
N ASP A 91 -34.26 -3.17 -19.08
CA ASP A 91 -35.40 -3.94 -19.54
C ASP A 91 -35.50 -5.31 -18.88
N ASN A 92 -34.52 -5.69 -18.07
CA ASN A 92 -34.46 -7.01 -17.46
C ASN A 92 -34.58 -8.13 -18.51
N MET A 93 -33.58 -8.17 -19.40
CA MET A 93 -33.48 -9.13 -20.49
C MET A 93 -32.13 -9.83 -20.54
N PHE A 94 -31.08 -9.18 -20.05
CA PHE A 94 -29.73 -9.73 -20.02
C PHE A 94 -29.10 -9.48 -18.66
N ARG A 95 -28.40 -10.49 -18.15
CA ARG A 95 -27.64 -10.36 -16.91
C ARG A 95 -26.18 -10.73 -17.17
N PHE A 96 -25.28 -9.98 -16.56
CA PHE A 96 -23.85 -10.25 -16.68
C PHE A 96 -23.53 -11.68 -16.27
N ASP A 97 -22.58 -12.29 -16.98
CA ASP A 97 -22.10 -13.64 -16.71
C ASP A 97 -20.61 -13.57 -16.49
N TYR A 98 -20.21 -13.07 -15.32
CA TYR A 98 -18.81 -13.02 -14.95
C TYR A 98 -18.27 -14.43 -14.76
N SER A 99 -17.14 -14.73 -15.39
CA SER A 99 -16.53 -16.04 -15.20
C SER A 99 -15.66 -16.04 -13.95
N PRO A 100 -15.36 -17.22 -13.41
CA PRO A 100 -14.44 -17.27 -12.25
C PRO A 100 -13.08 -16.68 -12.53
N GLU A 101 -12.52 -16.92 -13.72
CA GLU A 101 -11.21 -16.36 -14.04
C GLU A 101 -11.27 -14.84 -14.22
N PHE A 102 -12.41 -14.32 -14.70
CA PHE A 102 -12.56 -12.87 -14.75
C PHE A 102 -12.61 -12.27 -13.35
N LEU A 103 -13.30 -12.96 -12.42
CA LEU A 103 -13.44 -12.43 -11.07
C LEU A 103 -12.10 -12.40 -10.35
N LEU A 104 -11.24 -13.41 -10.56
CA LEU A 104 -9.90 -13.36 -9.99
C LEU A 104 -9.09 -12.21 -10.58
N TRP A 105 -9.24 -11.98 -11.89
CA TRP A 105 -8.62 -10.83 -12.53
C TRP A 105 -9.10 -9.53 -11.89
N ALA A 106 -10.41 -9.36 -11.76
CA ALA A 106 -10.96 -8.11 -11.27
C ALA A 106 -10.73 -7.91 -9.78
N LEU A 107 -10.70 -9.01 -9.00
CA LEU A 107 -10.73 -8.91 -7.55
C LEU A 107 -9.39 -9.18 -6.89
N ARG A 108 -8.39 -9.66 -7.63
CA ARG A 108 -7.09 -9.84 -7.01
C ARG A 108 -5.97 -9.11 -7.75
N PRO A 109 -6.07 -7.79 -7.97
CA PRO A 109 -4.93 -7.06 -8.54
C PRO A 109 -3.88 -6.83 -7.46
N PRO A 110 -2.72 -6.27 -7.81
CA PRO A 110 -1.70 -6.02 -6.78
C PRO A 110 -2.25 -5.20 -5.63
N GLY A 111 -2.07 -5.72 -4.42
CA GLY A 111 -2.51 -5.05 -3.22
C GLY A 111 -3.82 -5.53 -2.63
N TRP A 112 -4.47 -6.50 -3.25
CA TRP A 112 -5.75 -6.99 -2.74
C TRP A 112 -5.57 -7.56 -1.33
N LEU A 113 -6.62 -7.42 -0.52
CA LEU A 113 -6.63 -7.94 0.83
C LEU A 113 -7.81 -8.88 1.03
N PRO A 114 -7.61 -10.01 1.71
CA PRO A 114 -8.69 -10.99 1.82
C PRO A 114 -9.91 -10.48 2.57
N GLN A 115 -9.71 -9.60 3.56
CA GLN A 115 -10.83 -9.05 4.30
C GLN A 115 -11.67 -8.07 3.48
N TRP A 116 -11.18 -7.67 2.30
CA TRP A 116 -11.94 -6.82 1.40
C TRP A 116 -12.80 -7.62 0.42
N HIS A 117 -12.77 -8.94 0.50
CA HIS A 117 -13.71 -9.80 -0.23
C HIS A 117 -14.78 -10.23 0.77
N CYS A 118 -15.75 -9.35 0.96
CA CYS A 118 -16.65 -9.35 2.10
C CYS A 118 -18.00 -9.93 1.71
N GLY A 119 -18.21 -11.22 2.03
CA GLY A 119 -19.46 -11.87 1.73
C GLY A 119 -20.40 -11.93 2.93
N VAL A 120 -21.66 -12.20 2.65
CA VAL A 120 -22.68 -12.43 3.67
C VAL A 120 -23.27 -13.81 3.44
N ARG A 121 -23.37 -14.60 4.49
CA ARG A 121 -23.88 -15.96 4.41
C ARG A 121 -25.08 -16.12 5.34
N VAL A 122 -25.94 -17.08 5.00
CA VAL A 122 -27.01 -17.49 5.90
C VAL A 122 -26.40 -18.39 6.97
N VAL A 123 -26.71 -18.09 8.24
CA VAL A 123 -26.04 -18.77 9.34
C VAL A 123 -26.35 -20.28 9.31
N SER A 124 -27.62 -20.64 9.14
CA SER A 124 -28.02 -22.03 9.31
C SER A 124 -27.48 -22.91 8.17
N SER A 125 -27.46 -22.39 6.94
CA SER A 125 -27.10 -23.20 5.78
C SER A 125 -25.76 -22.86 5.17
N ARG A 126 -25.17 -21.70 5.51
CA ARG A 126 -23.93 -21.18 4.94
C ARG A 126 -24.08 -20.74 3.48
N LYS A 127 -25.32 -20.55 3.03
CA LYS A 127 -25.56 -20.07 1.67
C LYS A 127 -25.08 -18.64 1.50
N LEU A 128 -24.28 -18.40 0.47
CA LEU A 128 -23.82 -17.04 0.15
C LEU A 128 -24.96 -16.22 -0.43
N VAL A 129 -25.25 -15.08 0.18
CA VAL A 129 -26.40 -14.26 -0.21
C VAL A 129 -26.06 -12.79 -0.37
N GLY A 130 -24.82 -12.38 -0.10
CA GLY A 130 -24.44 -10.99 -0.25
C GLY A 130 -22.94 -10.86 -0.44
N PHE A 131 -22.54 -9.74 -1.05
CA PHE A 131 -21.13 -9.53 -1.32
C PHE A 131 -20.86 -8.07 -1.62
N ILE A 132 -19.68 -7.60 -1.22
CA ILE A 132 -19.14 -6.33 -1.65
C ILE A 132 -17.62 -6.43 -1.55
N SER A 133 -16.92 -5.69 -2.41
CA SER A 133 -15.47 -5.84 -2.52
C SER A 133 -14.81 -4.47 -2.63
N ALA A 134 -13.58 -4.41 -2.16
CA ALA A 134 -12.70 -3.25 -2.33
C ALA A 134 -11.36 -3.73 -2.85
N ILE A 135 -10.80 -2.98 -3.80
CA ILE A 135 -9.44 -3.20 -4.25
C ILE A 135 -8.68 -1.89 -4.11
N PRO A 136 -7.40 -1.92 -3.77
CA PRO A 136 -6.65 -0.66 -3.66
C PRO A 136 -6.42 -0.06 -5.03
N ALA A 137 -6.41 1.27 -5.07
CA ALA A 137 -6.19 1.99 -6.32
C ALA A 137 -5.64 3.36 -6.00
N ASN A 138 -4.53 3.71 -6.65
CA ASN A 138 -4.01 5.07 -6.59
C ASN A 138 -4.75 5.91 -7.62
N ILE A 139 -5.42 6.98 -7.16
CA ILE A 139 -6.36 7.73 -7.97
C ILE A 139 -5.88 9.17 -8.10
N HIS A 140 -5.96 9.69 -9.33
CA HIS A 140 -5.65 11.08 -9.63
C HIS A 140 -6.96 11.81 -9.90
N ILE A 141 -7.30 12.75 -9.03
CA ILE A 141 -8.51 13.55 -9.19
C ILE A 141 -8.10 15.02 -9.22
N TYR A 142 -8.29 15.66 -10.37
CA TYR A 142 -7.82 17.02 -10.61
C TYR A 142 -6.34 17.15 -10.27
N ASP A 143 -6.00 17.93 -9.25
CA ASP A 143 -4.60 18.14 -8.91
C ASP A 143 -4.14 17.33 -7.70
N THR A 144 -4.92 16.35 -7.26
CA THR A 144 -4.60 15.53 -6.11
C THR A 144 -4.43 14.08 -6.55
N GLU A 145 -3.37 13.44 -6.05
CA GLU A 145 -3.12 12.02 -6.26
C GLU A 145 -3.17 11.34 -4.89
N LYS A 146 -4.14 10.46 -4.70
CA LYS A 146 -4.41 9.90 -3.38
C LYS A 146 -4.69 8.40 -3.48
N LYS A 147 -4.30 7.68 -2.44
CA LYS A 147 -4.57 6.25 -2.34
C LYS A 147 -6.02 6.03 -1.95
N MET A 148 -6.77 5.32 -2.80
CA MET A 148 -8.18 5.05 -2.53
C MET A 148 -8.47 3.57 -2.70
N VAL A 149 -9.75 3.21 -2.62
CA VAL A 149 -10.22 1.88 -2.98
C VAL A 149 -11.29 2.02 -4.05
N GLU A 150 -11.36 1.04 -4.92
CA GLU A 150 -12.46 0.91 -5.86
C GLU A 150 -13.44 -0.11 -5.30
N ILE A 151 -14.71 0.27 -5.23
CA ILE A 151 -15.77 -0.58 -4.70
C ILE A 151 -16.53 -1.17 -5.86
N ASN A 152 -16.75 -2.50 -5.82
CA ASN A 152 -17.39 -3.18 -6.93
C ASN A 152 -18.13 -4.41 -6.42
N PHE A 153 -19.04 -4.90 -7.26
CA PHE A 153 -19.73 -6.17 -7.05
C PHE A 153 -20.60 -6.15 -5.79
N LEU A 154 -21.12 -4.99 -5.43
CA LEU A 154 -22.15 -4.92 -4.40
C LEU A 154 -23.37 -5.69 -4.89
N CYS A 155 -23.79 -6.69 -4.12
CA CYS A 155 -24.80 -7.62 -4.59
C CYS A 155 -25.51 -8.24 -3.40
N VAL A 156 -26.84 -8.19 -3.44
CA VAL A 156 -27.69 -8.84 -2.45
C VAL A 156 -28.57 -9.84 -3.19
N HIS A 157 -28.74 -11.03 -2.62
CA HIS A 157 -29.62 -12.03 -3.21
C HIS A 157 -31.01 -11.45 -3.43
N LYS A 158 -31.64 -11.88 -4.53
CA LYS A 158 -32.97 -11.37 -4.88
C LYS A 158 -33.95 -11.56 -3.74
N LYS A 159 -33.86 -12.68 -3.01
CA LYS A 159 -34.76 -12.98 -1.92
C LYS A 159 -34.47 -12.17 -0.65
N LEU A 160 -33.46 -11.29 -0.66
CA LEU A 160 -33.18 -10.42 0.47
C LEU A 160 -33.22 -8.95 0.08
N ARG A 161 -33.77 -8.62 -1.08
CA ARG A 161 -33.83 -7.24 -1.52
C ARG A 161 -34.80 -6.44 -0.64
N SER A 162 -34.52 -5.13 -0.53
CA SER A 162 -35.39 -4.19 0.17
C SER A 162 -35.55 -4.55 1.65
N LYS A 163 -34.49 -5.09 2.25
CA LYS A 163 -34.43 -5.30 3.69
C LYS A 163 -33.28 -4.52 4.33
N ARG A 164 -32.77 -3.51 3.63
CA ARG A 164 -31.73 -2.61 4.14
C ARG A 164 -30.43 -3.34 4.45
N VAL A 165 -30.11 -4.39 3.67
CA VAL A 165 -28.83 -5.07 3.85
C VAL A 165 -27.71 -4.32 3.15
N ALA A 166 -28.01 -3.67 2.02
CA ALA A 166 -26.98 -2.91 1.31
C ALA A 166 -26.30 -1.84 2.16
N PRO A 167 -27.01 -1.06 3.00
CA PRO A 167 -26.29 -0.11 3.87
C PRO A 167 -25.34 -0.78 4.84
N VAL A 168 -25.64 -1.99 5.31
CA VAL A 168 -24.74 -2.67 6.22
C VAL A 168 -23.47 -3.10 5.49
N LEU A 169 -23.61 -3.62 4.27
CA LEU A 169 -22.44 -4.00 3.48
C LEU A 169 -21.53 -2.79 3.22
N ILE A 170 -22.14 -1.66 2.89
CA ILE A 170 -21.37 -0.45 2.62
C ILE A 170 -20.64 0.01 3.89
N ARG A 171 -21.36 0.03 5.01
CA ARG A 171 -20.74 0.44 6.27
C ARG A 171 -19.60 -0.49 6.65
N GLU A 172 -19.76 -1.79 6.40
CA GLU A 172 -18.76 -2.76 6.85
C GLU A 172 -17.52 -2.73 5.98
N ILE A 173 -17.68 -2.59 4.66
CA ILE A 173 -16.48 -2.47 3.83
C ILE A 173 -15.79 -1.14 4.12
N THR A 174 -16.56 -0.09 4.45
CA THR A 174 -15.96 1.18 4.83
C THR A 174 -15.09 1.01 6.07
N ARG A 175 -15.63 0.35 7.10
CA ARG A 175 -14.88 0.12 8.33
C ARG A 175 -13.59 -0.65 8.06
N ARG A 176 -13.66 -1.69 7.23
CA ARG A 176 -12.47 -2.48 6.93
C ARG A 176 -11.46 -1.70 6.11
N VAL A 177 -11.93 -0.79 5.26
CA VAL A 177 -11.01 0.08 4.52
C VAL A 177 -10.38 1.11 5.46
N HIS A 178 -11.20 1.70 6.35
CA HIS A 178 -10.68 2.64 7.35
C HIS A 178 -9.58 2.02 8.20
N LEU A 179 -9.72 0.74 8.55
CA LEU A 179 -8.70 0.08 9.37
C LEU A 179 -7.36 0.04 8.65
N GLU A 180 -7.37 0.04 7.32
CA GLU A 180 -6.14 0.07 6.53
C GLU A 180 -5.66 1.49 6.25
N GLY A 181 -6.29 2.50 6.84
CA GLY A 181 -5.83 3.87 6.71
C GLY A 181 -6.24 4.56 5.43
N ILE A 182 -7.30 4.10 4.77
CA ILE A 182 -7.79 4.68 3.53
C ILE A 182 -9.16 5.29 3.80
N PHE A 183 -9.37 6.52 3.33
CA PHE A 183 -10.58 7.27 3.65
C PHE A 183 -11.30 7.82 2.45
N GLN A 184 -10.85 7.50 1.23
CA GLN A 184 -11.53 7.87 0.00
C GLN A 184 -11.77 6.62 -0.83
N ALA A 185 -12.86 6.65 -1.60
CA ALA A 185 -13.20 5.54 -2.47
C ALA A 185 -13.79 6.07 -3.76
N VAL A 186 -13.73 5.25 -4.81
CA VAL A 186 -14.31 5.55 -6.10
C VAL A 186 -15.18 4.35 -6.51
N TYR A 187 -16.29 4.63 -7.18
CA TYR A 187 -17.22 3.59 -7.59
C TYR A 187 -18.16 4.15 -8.65
N THR A 188 -18.79 3.24 -9.40
CA THR A 188 -19.76 3.59 -10.42
C THR A 188 -21.08 2.91 -10.13
N ALA A 189 -22.14 3.44 -10.74
CA ALA A 189 -23.48 2.89 -10.56
C ALA A 189 -24.39 3.39 -11.68
N GLY A 190 -25.36 2.56 -12.04
CA GLY A 190 -26.37 2.95 -13.00
C GLY A 190 -27.52 3.76 -12.42
N VAL A 191 -27.58 3.88 -11.10
CA VAL A 191 -28.61 4.64 -10.43
C VAL A 191 -27.98 5.90 -9.85
N VAL A 192 -28.82 6.91 -9.66
CA VAL A 192 -28.34 8.22 -9.21
C VAL A 192 -28.38 8.30 -7.69
N LEU A 193 -27.24 8.66 -7.11
CA LEU A 193 -27.06 8.83 -5.68
C LEU A 193 -26.32 10.13 -5.44
N PRO A 194 -26.29 10.63 -4.20
CA PRO A 194 -25.39 11.74 -3.89
C PRO A 194 -23.95 11.25 -3.85
N LYS A 195 -23.08 11.84 -4.69
CA LYS A 195 -23.42 12.77 -5.76
C LYS A 195 -22.45 12.56 -6.92
N PRO A 196 -22.97 12.43 -8.15
CA PRO A 196 -22.11 12.06 -9.28
C PRO A 196 -21.03 13.11 -9.54
N VAL A 197 -19.79 12.63 -9.68
CA VAL A 197 -18.70 13.48 -10.17
C VAL A 197 -18.69 13.56 -11.69
N GLY A 198 -19.24 12.56 -12.36
CA GLY A 198 -19.27 12.53 -13.80
C GLY A 198 -20.32 11.56 -14.27
N THR A 199 -20.82 11.79 -15.48
CA THR A 199 -21.89 10.99 -16.05
C THR A 199 -21.46 10.48 -17.42
N CYS A 200 -21.68 9.20 -17.66
CA CYS A 200 -21.28 8.56 -18.91
C CYS A 200 -22.45 7.76 -19.46
N ARG A 201 -22.36 7.46 -20.75
CA ARG A 201 -23.36 6.64 -21.43
C ARG A 201 -22.66 5.53 -22.19
N TYR A 202 -23.28 4.36 -22.22
CA TYR A 202 -22.76 3.24 -22.97
C TYR A 202 -23.17 3.34 -24.44
N TRP A 203 -22.22 3.03 -25.32
CA TRP A 203 -22.47 2.91 -26.74
C TRP A 203 -22.16 1.49 -27.19
N HIS A 204 -22.89 1.03 -28.20
CA HIS A 204 -22.77 -0.34 -28.66
C HIS A 204 -22.51 -0.34 -30.16
N ARG A 205 -21.54 -1.14 -30.57
CA ARG A 205 -21.21 -1.33 -31.98
C ARG A 205 -21.49 -2.79 -32.33
N SER A 206 -22.49 -3.00 -33.19
CA SER A 206 -22.83 -4.35 -33.60
C SER A 206 -21.71 -4.94 -34.46
N LEU A 207 -21.31 -6.17 -34.12
CA LEU A 207 -20.38 -6.92 -34.96
C LEU A 207 -21.02 -8.17 -35.54
N ASN A 208 -21.99 -8.77 -34.86
CA ASN A 208 -22.77 -9.90 -35.36
C ASN A 208 -24.23 -9.48 -35.33
N PRO A 209 -24.68 -8.69 -36.31
CA PRO A 209 -26.03 -8.09 -36.21
C PRO A 209 -27.15 -9.11 -36.23
N ARG A 210 -27.00 -10.25 -36.90
CA ARG A 210 -28.05 -11.25 -36.91
C ARG A 210 -28.32 -11.78 -35.50
N LYS A 211 -27.26 -12.20 -34.81
CA LYS A 211 -27.41 -12.69 -33.44
C LYS A 211 -28.01 -11.63 -32.53
N LEU A 212 -27.56 -10.39 -32.67
CA LEU A 212 -28.06 -9.32 -31.82
C LEU A 212 -29.54 -9.05 -32.01
N ILE A 213 -30.09 -9.42 -33.17
CA ILE A 213 -31.52 -9.20 -33.42
C ILE A 213 -32.36 -10.39 -32.98
N GLU A 214 -31.84 -11.62 -33.10
CA GLU A 214 -32.61 -12.78 -32.65
C GLU A 214 -32.79 -12.80 -31.14
N VAL A 215 -31.81 -12.31 -30.38
CA VAL A 215 -31.89 -12.33 -28.92
C VAL A 215 -32.50 -11.02 -28.43
N LYS A 216 -32.99 -10.21 -29.38
CA LYS A 216 -33.68 -8.96 -29.12
C LYS A 216 -32.80 -7.93 -28.42
N PHE A 217 -31.48 -8.06 -28.51
CA PHE A 217 -30.60 -6.99 -28.05
C PHE A 217 -30.76 -5.76 -28.93
N SER A 218 -30.87 -5.96 -30.23
CA SER A 218 -31.12 -4.91 -31.21
C SER A 218 -32.38 -5.24 -31.98
N HIS A 219 -32.86 -4.28 -32.75
CA HIS A 219 -34.04 -4.49 -33.57
C HIS A 219 -33.89 -3.78 -34.91
N LEU A 220 -34.69 -4.22 -35.87
CA LEU A 220 -34.65 -3.71 -37.23
C LEU A 220 -34.94 -2.22 -37.25
N SER A 221 -34.07 -1.45 -37.89
CA SER A 221 -34.43 -0.08 -38.21
C SER A 221 -35.52 -0.06 -39.26
N ARG A 222 -36.21 1.07 -39.36
CA ARG A 222 -37.41 1.17 -40.19
C ARG A 222 -37.07 0.91 -41.66
N ASN A 223 -37.63 -0.17 -42.19
CA ASN A 223 -37.42 -0.59 -43.58
C ASN A 223 -35.94 -0.78 -43.88
N MET A 224 -35.34 -1.77 -43.21
CA MET A 224 -33.91 -2.00 -43.39
C MET A 224 -33.57 -3.39 -43.90
N THR A 225 -34.09 -4.45 -43.27
CA THR A 225 -33.83 -5.87 -43.60
C THR A 225 -32.53 -6.34 -42.97
N MET A 226 -32.49 -7.62 -42.56
CA MET A 226 -31.26 -8.19 -42.02
C MET A 226 -30.11 -8.12 -43.03
N GLN A 227 -30.40 -8.36 -44.31
CA GLN A 227 -29.35 -8.36 -45.32
C GLN A 227 -28.73 -6.97 -45.48
N ARG A 228 -29.53 -5.93 -45.36
CA ARG A 228 -29.00 -4.56 -45.44
C ARG A 228 -28.29 -4.14 -44.15
N THR A 229 -28.76 -4.61 -42.99
CA THR A 229 -28.10 -4.27 -41.74
C THR A 229 -26.76 -4.97 -41.62
N MET A 230 -26.70 -6.26 -41.96
CA MET A 230 -25.41 -6.96 -42.05
C MET A 230 -24.46 -6.22 -42.97
N LYS A 231 -24.97 -5.72 -44.09
CA LYS A 231 -24.17 -4.88 -44.98
C LYS A 231 -23.71 -3.61 -44.27
N LEU A 232 -24.55 -3.04 -43.40
CA LEU A 232 -24.20 -1.77 -42.79
C LEU A 232 -23.02 -1.92 -41.82
N TYR A 233 -22.98 -3.01 -41.05
CA TYR A 233 -21.98 -3.18 -40.02
C TYR A 233 -20.84 -4.11 -40.44
N ARG A 234 -20.62 -4.27 -41.75
N ARG A 234 -20.62 -4.27 -41.75
CA ARG A 234 -19.56 -5.15 -42.23
CA ARG A 234 -19.56 -5.14 -42.24
C ARG A 234 -18.19 -4.57 -41.93
C ARG A 234 -18.18 -4.57 -41.93
N LEU A 235 -17.23 -5.45 -41.63
CA LEU A 235 -15.89 -5.04 -41.25
C LEU A 235 -14.84 -5.80 -42.04
N PRO A 236 -13.63 -5.22 -42.20
CA PRO A 236 -12.64 -5.81 -43.10
C PRO A 236 -12.18 -7.22 -42.73
N GLU A 237 -12.13 -7.55 -41.44
CA GLU A 237 -11.67 -8.82 -40.90
C GLU A 237 -10.18 -9.09 -41.06
N THR A 238 -9.41 -8.09 -41.48
CA THR A 238 -7.98 -8.10 -41.26
C THR A 238 -7.66 -6.64 -40.94
N PRO A 239 -7.02 -6.37 -39.81
CA PRO A 239 -6.78 -4.98 -39.41
C PRO A 239 -5.84 -4.27 -40.36
N LYS A 240 -5.96 -2.94 -40.39
CA LYS A 240 -5.28 -2.13 -41.38
C LYS A 240 -3.91 -1.61 -40.92
N THR A 241 -3.72 -1.44 -39.61
CA THR A 241 -2.51 -0.81 -39.10
C THR A 241 -1.34 -1.80 -39.11
N ALA A 242 -0.23 -1.38 -39.71
CA ALA A 242 0.98 -2.18 -39.67
C ALA A 242 1.57 -2.16 -38.27
N GLY A 243 2.28 -3.24 -37.93
CA GLY A 243 2.89 -3.38 -36.63
C GLY A 243 1.96 -3.80 -35.51
N LEU A 244 0.69 -4.08 -35.80
CA LEU A 244 -0.28 -4.43 -34.78
C LEU A 244 -0.11 -5.90 -34.39
N ARG A 245 -0.02 -6.17 -33.09
CA ARG A 245 0.25 -7.51 -32.59
C ARG A 245 -0.12 -7.56 -31.12
N PRO A 246 -0.35 -8.75 -30.57
CA PRO A 246 -0.71 -8.84 -29.14
C PRO A 246 0.42 -8.36 -28.23
N MET A 247 0.03 -7.87 -27.07
CA MET A 247 0.99 -7.41 -26.08
C MET A 247 1.80 -8.59 -25.55
N GLU A 248 3.09 -8.36 -25.32
CA GLU A 248 3.98 -9.36 -24.78
C GLU A 248 4.68 -8.82 -23.54
N THR A 249 5.34 -9.73 -22.81
CA THR A 249 5.99 -9.36 -21.55
C THR A 249 6.96 -8.20 -21.75
N LYS A 250 7.71 -8.20 -22.86
CA LYS A 250 8.66 -7.15 -23.14
C LYS A 250 8.01 -5.78 -23.35
N ASP A 251 6.70 -5.73 -23.53
CA ASP A 251 5.99 -4.47 -23.75
C ASP A 251 5.52 -3.81 -22.46
N ILE A 252 5.62 -4.50 -21.32
CA ILE A 252 5.12 -3.94 -20.06
C ILE A 252 5.72 -2.57 -19.75
N PRO A 253 7.03 -2.35 -19.83
CA PRO A 253 7.55 -1.01 -19.50
C PRO A 253 7.03 0.10 -20.39
N VAL A 254 6.98 -0.11 -21.72
CA VAL A 254 6.54 0.96 -22.60
C VAL A 254 5.03 1.17 -22.51
N VAL A 255 4.27 0.10 -22.27
CA VAL A 255 2.82 0.25 -22.09
C VAL A 255 2.53 1.07 -20.84
N HIS A 256 3.25 0.79 -19.75
CA HIS A 256 3.19 1.63 -18.57
C HIS A 256 3.51 3.08 -18.91
N GLN A 257 4.60 3.29 -19.65
CA GLN A 257 5.03 4.63 -20.04
C GLN A 257 3.96 5.33 -20.86
N LEU A 258 3.41 4.63 -21.87
CA LEU A 258 2.41 5.24 -22.74
C LEU A 258 1.15 5.61 -21.98
N LEU A 259 0.64 4.67 -21.18
CA LEU A 259 -0.58 4.93 -20.42
C LEU A 259 -0.40 6.11 -19.46
N THR A 260 0.72 6.13 -18.74
CA THR A 260 0.93 7.16 -17.72
C THR A 260 0.87 8.57 -18.31
N ARG A 261 1.56 8.78 -19.44
CA ARG A 261 1.56 10.11 -20.04
C ARG A 261 0.22 10.42 -20.69
N TYR A 262 -0.44 9.42 -21.28
CA TYR A 262 -1.72 9.65 -21.95
C TYR A 262 -2.78 10.11 -20.97
N LEU A 263 -2.79 9.57 -19.76
CA LEU A 263 -3.85 9.87 -18.80
C LEU A 263 -3.72 11.25 -18.16
N LYS A 264 -2.60 11.95 -18.38
CA LYS A 264 -2.42 13.25 -17.75
C LYS A 264 -3.43 14.29 -18.24
N GLN A 265 -4.02 14.09 -19.42
CA GLN A 265 -4.95 15.06 -19.98
C GLN A 265 -6.36 14.94 -19.40
N PHE A 266 -6.63 13.94 -18.57
CA PHE A 266 -7.95 13.76 -17.99
C PHE A 266 -7.90 14.09 -16.49
N HIS A 267 -9.09 14.30 -15.92
CA HIS A 267 -9.18 14.78 -14.55
C HIS A 267 -9.43 13.69 -13.51
N LEU A 268 -10.02 12.56 -13.91
CA LEU A 268 -10.20 11.41 -13.02
C LEU A 268 -9.58 10.20 -13.70
N THR A 269 -8.37 9.83 -13.27
CA THR A 269 -7.60 8.77 -13.89
C THR A 269 -7.02 7.87 -12.82
N PRO A 270 -6.71 6.63 -13.16
CA PRO A 270 -5.88 5.79 -12.28
C PRO A 270 -4.40 6.10 -12.45
N VAL A 271 -3.64 5.79 -11.41
CA VAL A 271 -2.19 5.95 -11.43
C VAL A 271 -1.60 4.58 -11.14
N MET A 272 -1.21 3.87 -12.19
CA MET A 272 -0.84 2.47 -12.10
C MET A 272 0.68 2.32 -11.98
N SER A 273 1.11 1.49 -11.05
CA SER A 273 2.48 1.02 -11.03
C SER A 273 2.70 0.07 -12.21
N GLN A 274 3.97 -0.26 -12.46
CA GLN A 274 4.28 -1.19 -13.55
C GLN A 274 3.71 -2.57 -13.28
N GLU A 275 3.66 -2.99 -12.00
CA GLU A 275 3.06 -4.28 -11.69
C GLU A 275 1.55 -4.27 -11.94
N GLU A 276 0.90 -3.14 -11.63
CA GLU A 276 -0.53 -3.03 -11.91
C GLU A 276 -0.80 -3.03 -13.41
N VAL A 277 0.07 -2.39 -14.19
CA VAL A 277 -0.08 -2.39 -15.64
C VAL A 277 0.02 -3.82 -16.18
N GLU A 278 0.93 -4.61 -15.64
CA GLU A 278 1.03 -6.02 -16.03
C GLU A 278 -0.28 -6.75 -15.73
N HIS A 279 -0.81 -6.57 -14.51
CA HIS A 279 -2.02 -7.30 -14.12
C HIS A 279 -3.21 -6.91 -15.00
N TRP A 280 -3.39 -5.62 -15.26
CA TRP A 280 -4.58 -5.17 -15.95
C TRP A 280 -4.52 -5.37 -17.45
N PHE A 281 -3.33 -5.46 -18.04
CA PHE A 281 -3.21 -5.41 -19.49
C PHE A 281 -2.60 -6.64 -20.14
N TYR A 282 -1.79 -7.42 -19.42
CA TYR A 282 -1.20 -8.59 -20.05
C TYR A 282 -2.28 -9.57 -20.47
N PRO A 283 -2.32 -9.98 -21.72
CA PRO A 283 -3.48 -10.74 -22.24
C PRO A 283 -3.69 -12.06 -21.49
N GLN A 284 -4.95 -12.32 -21.16
CA GLN A 284 -5.43 -13.63 -20.72
C GLN A 284 -6.67 -13.93 -21.55
N GLU A 285 -6.64 -15.05 -22.28
CA GLU A 285 -7.74 -15.37 -23.17
C GLU A 285 -9.05 -15.43 -22.40
N ASN A 286 -10.10 -14.84 -23.01
CA ASN A 286 -11.46 -14.74 -22.47
C ASN A 286 -11.57 -13.79 -21.28
N ILE A 287 -10.54 -12.98 -21.02
CA ILE A 287 -10.59 -12.03 -19.91
C ILE A 287 -10.20 -10.64 -20.41
N ILE A 288 -8.96 -10.49 -20.87
CA ILE A 288 -8.42 -9.19 -21.24
C ILE A 288 -7.54 -9.34 -22.47
N ASP A 289 -7.77 -8.47 -23.45
CA ASP A 289 -6.99 -8.44 -24.69
C ASP A 289 -6.32 -7.09 -24.83
N THR A 290 -5.02 -7.11 -25.13
CA THR A 290 -4.26 -5.88 -25.39
C THR A 290 -3.42 -6.09 -26.63
N PHE A 291 -3.47 -5.13 -27.55
CA PHE A 291 -2.69 -5.17 -28.78
C PHE A 291 -1.87 -3.89 -28.87
N VAL A 292 -0.59 -4.03 -29.20
CA VAL A 292 0.30 -2.90 -29.36
C VAL A 292 0.56 -2.67 -30.83
N VAL A 293 1.02 -1.46 -31.16
CA VAL A 293 1.42 -1.10 -32.52
C VAL A 293 2.92 -0.78 -32.49
N GLU A 294 3.71 -1.67 -33.07
CA GLU A 294 5.14 -1.50 -33.16
C GLU A 294 5.50 -0.81 -34.47
N ASN A 295 6.41 0.17 -34.40
CA ASN A 295 6.77 0.92 -35.59
C ASN A 295 7.96 0.27 -36.28
N ALA A 296 8.48 0.93 -37.31
CA ALA A 296 9.54 0.34 -38.13
C ALA A 296 10.82 0.12 -37.32
N ASN A 297 11.12 1.04 -36.41
CA ASN A 297 12.31 0.92 -35.58
C ASN A 297 12.06 0.11 -34.30
N GLY A 298 10.91 -0.55 -34.20
CA GLY A 298 10.65 -1.49 -33.14
C GLY A 298 10.10 -0.94 -31.85
N GLU A 299 9.70 0.33 -31.83
CA GLU A 299 9.22 0.97 -30.61
C GLU A 299 7.69 0.99 -30.60
N VAL A 300 7.10 0.47 -29.51
CA VAL A 300 5.67 0.50 -29.35
C VAL A 300 5.20 1.95 -29.20
N THR A 301 4.26 2.36 -30.06
CA THR A 301 3.76 3.73 -30.06
C THR A 301 2.28 3.83 -29.71
N ASP A 302 1.52 2.76 -29.84
CA ASP A 302 0.10 2.78 -29.53
C ASP A 302 -0.30 1.42 -28.96
N PHE A 303 -1.41 1.41 -28.25
CA PHE A 303 -2.01 0.13 -27.87
C PHE A 303 -3.50 0.32 -27.63
N LEU A 304 -4.24 -0.76 -27.85
CA LEU A 304 -5.67 -0.83 -27.57
C LEU A 304 -5.93 -1.99 -26.63
N SER A 305 -7.04 -1.92 -25.89
CA SER A 305 -7.38 -2.95 -24.94
C SER A 305 -8.89 -3.04 -24.79
N PHE A 306 -9.38 -4.26 -24.58
CA PHE A 306 -10.78 -4.49 -24.27
C PHE A 306 -10.90 -5.79 -23.50
N TYR A 307 -11.89 -5.88 -22.61
CA TYR A 307 -12.09 -7.04 -21.78
C TYR A 307 -13.37 -7.78 -22.14
N THR A 308 -13.47 -9.02 -21.66
CA THR A 308 -14.49 -9.97 -22.08
C THR A 308 -15.50 -10.14 -20.95
N LEU A 309 -16.77 -9.86 -21.26
CA LEU A 309 -17.86 -9.98 -20.28
C LEU A 309 -19.11 -10.46 -21.01
N PRO A 310 -19.38 -11.75 -21.00
CA PRO A 310 -20.62 -12.26 -21.61
C PRO A 310 -21.84 -11.92 -20.77
N SER A 311 -23.00 -11.91 -21.44
CA SER A 311 -24.28 -11.60 -20.81
C SER A 311 -25.27 -12.73 -21.07
N THR A 312 -25.76 -13.36 -20.01
CA THR A 312 -26.78 -14.38 -20.17
C THR A 312 -28.08 -13.79 -20.68
N ILE A 313 -28.77 -14.53 -21.54
CA ILE A 313 -30.10 -14.14 -22.01
C ILE A 313 -31.10 -14.56 -20.96
N MET A 314 -31.80 -13.57 -20.37
CA MET A 314 -32.67 -13.85 -19.23
C MET A 314 -33.93 -14.60 -19.64
N ASN A 315 -34.40 -14.43 -20.89
CA ASN A 315 -35.64 -15.08 -21.30
C ASN A 315 -35.47 -16.60 -21.36
N HIS A 316 -34.32 -17.07 -21.85
CA HIS A 316 -34.04 -18.50 -21.90
C HIS A 316 -32.79 -18.84 -21.09
N LYS A 320 -27.35 -19.98 -25.20
CA LYS A 320 -26.32 -19.37 -24.35
C LYS A 320 -25.92 -17.95 -24.78
N SER A 321 -24.99 -17.36 -24.04
CA SER A 321 -24.88 -15.92 -23.85
C SER A 321 -24.45 -15.11 -25.08
N LEU A 322 -24.61 -13.79 -24.97
CA LEU A 322 -24.12 -12.78 -25.89
C LEU A 322 -22.69 -12.42 -25.49
N LYS A 323 -21.72 -12.67 -26.38
CA LYS A 323 -20.32 -12.41 -26.07
C LYS A 323 -20.02 -10.94 -26.35
N ALA A 324 -19.69 -10.19 -25.30
CA ALA A 324 -19.53 -8.74 -25.38
C ALA A 324 -18.10 -8.34 -25.07
N ALA A 325 -17.57 -7.41 -25.86
CA ALA A 325 -16.29 -6.77 -25.60
C ALA A 325 -16.53 -5.36 -25.08
N TYR A 326 -15.71 -4.95 -24.12
CA TYR A 326 -15.80 -3.64 -23.49
C TYR A 326 -14.47 -2.92 -23.65
N SER A 327 -14.50 -1.76 -24.28
CA SER A 327 -13.27 -0.99 -24.47
C SER A 327 -12.68 -0.61 -23.11
N PHE A 328 -11.36 -0.74 -23.00
CA PHE A 328 -10.68 -0.60 -21.72
C PHE A 328 -9.89 0.68 -21.76
N TYR A 329 -8.60 0.65 -22.06
CA TYR A 329 -7.81 1.85 -22.27
C TYR A 329 -7.19 1.79 -23.66
N ASN A 330 -7.27 2.90 -24.38
CA ASN A 330 -6.78 3.00 -25.75
C ASN A 330 -5.90 4.22 -25.85
N VAL A 331 -4.61 4.01 -26.09
CA VAL A 331 -3.61 5.08 -26.09
C VAL A 331 -3.06 5.22 -27.50
N HIS A 332 -3.12 6.43 -28.04
CA HIS A 332 -2.63 6.74 -29.38
C HIS A 332 -1.61 7.86 -29.30
N THR A 333 -0.43 7.63 -29.87
CA THR A 333 0.58 8.66 -30.03
C THR A 333 1.03 8.87 -31.47
N GLN A 334 0.87 7.87 -32.33
CA GLN A 334 1.22 7.99 -33.74
C GLN A 334 0.13 7.46 -34.66
N THR A 335 -0.52 6.36 -34.28
CA THR A 335 -1.68 5.88 -35.03
C THR A 335 -2.90 6.70 -34.67
N PRO A 336 -3.68 7.16 -35.65
CA PRO A 336 -4.90 7.90 -35.32
C PRO A 336 -5.88 7.02 -34.54
N LEU A 337 -6.54 7.64 -33.55
CA LEU A 337 -7.42 6.89 -32.66
C LEU A 337 -8.55 6.21 -33.43
N LEU A 338 -9.06 6.85 -34.48
CA LEU A 338 -10.12 6.23 -35.27
C LEU A 338 -9.64 4.95 -35.93
N ASP A 339 -8.42 4.97 -36.48
CA ASP A 339 -7.86 3.74 -37.05
C ASP A 339 -7.61 2.70 -35.96
N LEU A 340 -7.09 3.13 -34.81
CA LEU A 340 -6.85 2.23 -33.69
C LEU A 340 -8.13 1.54 -33.26
N MET A 341 -9.21 2.32 -33.08
CA MET A 341 -10.47 1.73 -32.67
C MET A 341 -11.11 0.92 -33.79
N SER A 342 -10.85 1.28 -35.05
CA SER A 342 -11.33 0.47 -36.16
C SER A 342 -10.70 -0.93 -36.13
N ASP A 343 -9.40 -0.99 -35.87
CA ASP A 343 -8.74 -2.28 -35.74
C ASP A 343 -9.25 -3.06 -34.53
N ALA A 344 -9.59 -2.36 -33.44
CA ALA A 344 -10.12 -3.05 -32.28
C ALA A 344 -11.44 -3.75 -32.60
N LEU A 345 -12.29 -3.08 -33.38
CA LEU A 345 -13.54 -3.71 -33.81
C LEU A 345 -13.27 -4.94 -34.66
N VAL A 346 -12.31 -4.86 -35.58
CA VAL A 346 -11.93 -6.02 -36.39
C VAL A 346 -11.46 -7.15 -35.50
N LEU A 347 -10.52 -6.85 -34.59
CA LEU A 347 -9.97 -7.87 -33.71
C LEU A 347 -11.07 -8.52 -32.86
N ALA A 348 -12.00 -7.71 -32.35
CA ALA A 348 -13.10 -8.27 -31.57
C ALA A 348 -13.96 -9.21 -32.41
N LYS A 349 -14.20 -8.85 -33.67
CA LYS A 349 -15.05 -9.69 -34.52
C LYS A 349 -14.34 -10.99 -34.89
N MET A 350 -13.03 -10.93 -35.14
CA MET A 350 -12.27 -12.15 -35.38
C MET A 350 -12.30 -13.08 -34.18
N LYS A 351 -12.36 -12.52 -32.97
CA LYS A 351 -12.35 -13.31 -31.75
C LYS A 351 -13.73 -13.84 -31.37
N GLY A 352 -14.75 -13.61 -32.20
CA GLY A 352 -16.07 -14.16 -31.95
C GLY A 352 -17.01 -13.28 -31.16
N PHE A 353 -16.64 -12.04 -30.88
CA PHE A 353 -17.51 -11.15 -30.14
C PHE A 353 -18.68 -10.70 -31.00
N ASP A 354 -19.87 -10.62 -30.38
CA ASP A 354 -21.06 -10.17 -31.09
C ASP A 354 -21.29 -8.67 -30.97
N VAL A 355 -20.77 -8.04 -29.91
CA VAL A 355 -20.99 -6.62 -29.68
C VAL A 355 -19.74 -6.03 -29.04
N PHE A 356 -19.52 -4.74 -29.28
CA PHE A 356 -18.37 -4.01 -28.76
C PHE A 356 -18.88 -2.76 -28.05
N ASN A 357 -18.75 -2.73 -26.73
CA ASN A 357 -19.27 -1.63 -25.92
C ASN A 357 -18.15 -0.68 -25.54
N ALA A 358 -18.52 0.60 -25.40
CA ALA A 358 -17.59 1.63 -24.97
C ALA A 358 -18.39 2.79 -24.40
N LEU A 359 -17.77 3.52 -23.48
CA LEU A 359 -18.38 4.70 -22.88
C LEU A 359 -17.95 5.96 -23.62
N ASP A 360 -18.67 7.06 -23.35
CA ASP A 360 -18.35 8.32 -24.00
C ASP A 360 -17.25 9.11 -23.30
N LEU A 361 -16.42 8.45 -22.48
CA LEU A 361 -15.40 9.14 -21.72
C LEU A 361 -14.11 9.26 -22.55
N MET A 362 -13.14 9.97 -21.99
CA MET A 362 -11.81 10.20 -22.61
C MET A 362 -12.05 10.83 -23.97
N GLU A 363 -11.42 10.34 -25.05
CA GLU A 363 -11.65 10.87 -26.38
C GLU A 363 -12.61 10.00 -27.20
N ASN A 364 -13.38 9.15 -26.55
CA ASN A 364 -14.20 8.18 -27.28
C ASN A 364 -15.23 8.86 -28.17
N LYS A 365 -15.70 10.04 -27.79
CA LYS A 365 -16.71 10.73 -28.58
C LYS A 365 -16.22 11.04 -29.98
N THR A 366 -14.91 11.21 -30.16
CA THR A 366 -14.34 11.53 -31.46
C THR A 366 -14.48 10.39 -32.47
N PHE A 367 -14.75 9.16 -32.03
CA PHE A 367 -14.86 8.04 -32.95
C PHE A 367 -16.17 7.28 -32.87
N LEU A 368 -17.00 7.53 -31.86
CA LEU A 368 -18.17 6.67 -31.61
C LEU A 368 -19.14 6.70 -32.77
N GLU A 369 -19.54 7.88 -33.21
CA GLU A 369 -20.50 7.98 -34.30
C GLU A 369 -19.88 7.53 -35.62
N LYS A 370 -18.66 8.02 -35.91
CA LYS A 370 -17.98 7.65 -37.15
C LYS A 370 -17.84 6.15 -37.32
N LEU A 371 -17.70 5.41 -36.21
CA LEU A 371 -17.47 3.98 -36.24
C LEU A 371 -18.73 3.16 -36.01
N LYS A 372 -19.90 3.74 -36.27
CA LYS A 372 -21.19 3.04 -36.29
C LYS A 372 -21.66 2.60 -34.91
N PHE A 373 -21.15 3.20 -33.85
CA PHE A 373 -21.69 2.93 -32.52
C PHE A 373 -23.08 3.52 -32.39
N GLY A 374 -23.98 2.77 -31.75
CA GLY A 374 -25.30 3.24 -31.40
C GLY A 374 -25.38 3.47 -29.90
N ILE A 375 -25.86 4.67 -29.52
CA ILE A 375 -25.95 5.02 -28.12
C ILE A 375 -27.03 4.17 -27.45
N GLY A 376 -26.72 3.67 -26.24
CA GLY A 376 -27.62 2.82 -25.51
C GLY A 376 -28.43 3.56 -24.47
N ASP A 377 -29.23 2.80 -23.73
CA ASP A 377 -30.10 3.34 -22.69
C ASP A 377 -29.50 3.09 -21.32
N GLY A 378 -29.71 4.05 -20.42
CA GLY A 378 -29.15 4.01 -19.09
C GLY A 378 -27.85 4.80 -19.01
N ASN A 379 -27.58 5.31 -17.81
CA ASN A 379 -26.37 6.07 -17.55
C ASN A 379 -25.46 5.33 -16.60
N LEU A 380 -24.18 5.66 -16.65
CA LEU A 380 -23.18 5.17 -15.72
C LEU A 380 -22.63 6.37 -14.96
N GLN A 381 -22.96 6.46 -13.67
CA GLN A 381 -22.49 7.56 -12.84
C GLN A 381 -21.19 7.18 -12.16
N TYR A 382 -20.29 8.15 -12.06
CA TYR A 382 -19.05 8.01 -11.31
C TYR A 382 -19.18 8.76 -9.99
N TYR A 383 -18.61 8.21 -8.94
CA TYR A 383 -18.72 8.81 -7.62
C TYR A 383 -17.38 8.76 -6.89
N LEU A 384 -17.16 9.76 -6.06
CA LEU A 384 -16.10 9.74 -5.05
C LEU A 384 -16.73 9.76 -3.67
N TYR A 385 -16.17 8.97 -2.76
CA TYR A 385 -16.60 8.91 -1.37
C TYR A 385 -15.66 9.75 -0.52
N ASN A 386 -16.22 10.69 0.22
CA ASN A 386 -15.45 11.56 1.13
C ASN A 386 -14.45 12.42 0.37
N TRP A 387 -14.86 12.96 -0.78
CA TRP A 387 -14.02 13.89 -1.51
C TRP A 387 -14.89 14.95 -2.18
N LYS A 388 -14.54 16.22 -1.97
CA LYS A 388 -15.24 17.33 -2.60
C LYS A 388 -14.48 17.76 -3.84
N CYS A 389 -15.16 17.75 -4.98
CA CYS A 389 -14.55 18.23 -6.22
C CYS A 389 -15.67 18.73 -7.12
N PRO A 390 -15.36 19.57 -8.10
CA PRO A 390 -16.37 19.94 -9.09
C PRO A 390 -16.66 18.78 -10.02
N SER A 391 -17.88 18.74 -10.51
CA SER A 391 -18.23 17.73 -11.49
C SER A 391 -17.48 17.99 -12.80
N MET A 392 -17.45 16.97 -13.65
CA MET A 392 -16.72 17.07 -14.91
C MET A 392 -17.50 16.35 -16.00
N GLY A 393 -17.22 16.73 -17.25
CA GLY A 393 -17.84 16.07 -18.37
C GLY A 393 -17.25 14.70 -18.62
N ALA A 394 -18.01 13.88 -19.34
CA ALA A 394 -17.56 12.52 -19.67
C ALA A 394 -16.19 12.53 -20.30
N GLU A 395 -15.93 13.50 -21.20
CA GLU A 395 -14.65 13.57 -21.88
C GLU A 395 -13.47 13.75 -20.93
N LYS A 396 -13.72 14.13 -19.69
CA LYS A 396 -12.64 14.31 -18.71
C LYS A 396 -12.44 13.09 -17.81
N VAL A 397 -13.42 12.19 -17.74
CA VAL A 397 -13.23 10.95 -16.99
C VAL A 397 -12.27 10.04 -17.75
N GLY A 398 -11.19 9.62 -17.09
CA GLY A 398 -10.22 8.73 -17.70
C GLY A 398 -10.03 7.46 -16.90
N LEU A 399 -11.13 6.90 -16.39
CA LEU A 399 -11.08 5.74 -15.52
C LEU A 399 -12.16 4.75 -15.93
N VAL A 400 -11.75 3.51 -16.16
CA VAL A 400 -12.67 2.42 -16.51
C VAL A 400 -12.56 1.34 -15.44
N LEU A 401 -13.71 0.91 -14.92
CA LEU A 401 -13.78 -0.16 -13.94
C LEU A 401 -14.56 -1.33 -14.52
N GLN A 402 -14.31 -2.52 -13.98
CA GLN A 402 -14.80 -3.77 -14.56
C GLN A 402 -16.20 -4.13 -14.09
N ALA B 12 32.67 7.28 6.68
CA ALA B 12 32.68 8.44 7.58
C ALA B 12 31.48 8.46 8.52
N LYS B 13 31.75 8.68 9.81
CA LYS B 13 30.71 8.76 10.83
C LYS B 13 30.54 10.16 11.38
N THR B 14 31.17 11.17 10.76
CA THR B 14 30.98 12.55 11.13
C THR B 14 30.97 13.41 9.87
N MET B 15 30.37 14.59 9.98
CA MET B 15 30.20 15.47 8.83
C MET B 15 31.53 16.02 8.33
N GLU B 16 32.53 16.13 9.20
CA GLU B 16 33.82 16.67 8.79
C GLU B 16 34.58 15.69 7.91
N GLU B 17 34.68 14.43 8.34
CA GLU B 17 35.39 13.42 7.57
C GLU B 17 34.66 13.06 6.27
N ALA B 18 33.36 13.36 6.18
CA ALA B 18 32.58 13.00 5.02
C ALA B 18 32.61 14.05 3.93
N SER B 19 32.74 15.33 4.30
CA SER B 19 32.69 16.39 3.29
C SER B 19 33.98 16.47 2.49
N LYS B 20 35.09 16.02 3.07
CA LYS B 20 36.35 15.90 2.35
C LYS B 20 36.44 14.58 1.58
N ARG B 21 35.31 13.92 1.37
CA ARG B 21 35.21 12.62 0.74
C ARG B 21 34.23 12.71 -0.42
N SER B 22 34.33 11.76 -1.35
CA SER B 22 33.45 11.73 -2.50
C SER B 22 32.89 10.33 -2.66
N TYR B 23 31.68 10.27 -3.24
CA TYR B 23 30.87 9.06 -3.24
C TYR B 23 30.64 8.58 -4.67
N GLN B 24 31.43 7.59 -5.08
CA GLN B 24 31.33 7.00 -6.41
C GLN B 24 29.90 6.58 -6.74
N PHE B 25 29.21 5.99 -5.77
CA PHE B 25 27.85 5.52 -6.00
C PHE B 25 26.79 6.56 -5.62
N TRP B 26 26.93 7.17 -4.44
CA TRP B 26 25.87 8.05 -3.95
C TRP B 26 25.80 9.38 -4.71
N ASP B 27 26.86 9.76 -5.44
CA ASP B 27 26.77 10.93 -6.29
C ASP B 27 25.84 10.69 -7.48
N THR B 28 25.61 9.43 -7.84
CA THR B 28 24.73 9.08 -8.94
C THR B 28 23.27 8.94 -8.52
N GLN B 29 22.97 9.09 -7.22
CA GLN B 29 21.64 8.83 -6.69
C GLN B 29 20.88 10.12 -6.46
N PRO B 30 19.54 10.08 -6.53
CA PRO B 30 18.74 11.30 -6.32
C PRO B 30 18.69 11.73 -4.85
N VAL B 31 19.83 12.16 -4.31
CA VAL B 31 19.90 12.66 -2.94
C VAL B 31 20.68 13.97 -2.97
N PRO B 32 20.41 14.90 -2.06
CA PRO B 32 21.14 16.18 -2.08
C PRO B 32 22.62 15.99 -1.82
N LYS B 33 23.41 16.95 -2.30
CA LYS B 33 24.84 16.93 -2.03
C LYS B 33 25.10 17.29 -0.57
N LEU B 34 26.18 16.73 -0.04
CA LEU B 34 26.47 16.91 1.39
C LEU B 34 26.68 18.37 1.74
N GLY B 35 27.30 19.14 0.83
CA GLY B 35 27.56 20.54 1.11
C GLY B 35 26.37 21.45 0.94
N GLU B 36 25.53 21.18 -0.06
CA GLU B 36 24.48 22.11 -0.46
C GLU B 36 23.49 22.35 0.68
N VAL B 37 22.90 23.54 0.67
CA VAL B 37 21.89 23.93 1.66
C VAL B 37 20.53 23.88 0.99
N VAL B 38 19.57 23.22 1.65
CA VAL B 38 18.27 22.93 1.07
C VAL B 38 17.22 23.80 1.75
N ASN B 39 16.50 24.58 0.96
CA ASN B 39 15.34 25.33 1.43
C ASN B 39 14.07 25.00 0.65
N THR B 40 14.13 24.05 -0.27
CA THR B 40 12.98 23.61 -1.04
C THR B 40 12.40 22.33 -0.42
N HIS B 41 11.32 21.83 -1.02
CA HIS B 41 10.64 20.63 -0.55
C HIS B 41 10.14 19.86 -1.76
N GLY B 42 10.60 18.62 -1.93
CA GLY B 42 10.04 17.75 -2.93
C GLY B 42 11.02 16.80 -3.59
N PRO B 43 10.55 16.12 -4.65
CA PRO B 43 11.37 15.11 -5.30
C PRO B 43 12.63 15.70 -5.91
N VAL B 44 13.69 14.88 -5.94
CA VAL B 44 14.93 15.28 -6.59
C VAL B 44 14.89 15.03 -8.08
N GLU B 45 14.34 13.91 -8.50
CA GLU B 45 14.25 13.52 -9.90
C GLU B 45 12.83 13.10 -10.24
N PRO B 46 12.45 13.14 -11.51
CA PRO B 46 11.11 12.69 -11.90
C PRO B 46 10.99 11.16 -11.85
N ASP B 47 9.75 10.70 -11.72
CA ASP B 47 9.49 9.27 -11.67
C ASP B 47 9.73 8.64 -13.03
N LYS B 48 10.60 7.64 -13.09
CA LYS B 48 10.75 6.86 -14.31
C LYS B 48 9.57 5.93 -14.46
N ASP B 49 8.96 5.92 -15.65
CA ASP B 49 7.75 5.15 -15.89
C ASP B 49 7.98 3.91 -16.77
N ASN B 50 9.22 3.62 -17.15
CA ASN B 50 9.56 2.37 -17.84
C ASN B 50 10.67 1.71 -17.05
N ILE B 51 10.29 0.92 -16.05
CA ILE B 51 11.25 0.35 -15.12
C ILE B 51 11.86 -0.91 -15.70
N ARG B 52 13.16 -1.09 -15.47
CA ARG B 52 13.87 -2.28 -15.90
C ARG B 52 13.25 -3.53 -15.28
N GLN B 53 13.00 -4.54 -16.12
CA GLN B 53 12.26 -5.72 -15.69
C GLN B 53 13.15 -6.83 -15.13
N GLU B 54 14.40 -6.88 -15.54
CA GLU B 54 15.27 -7.96 -15.09
C GLU B 54 16.16 -7.50 -13.95
N PRO B 55 16.50 -8.39 -13.02
CA PRO B 55 17.35 -8.00 -11.90
C PRO B 55 18.73 -7.55 -12.38
N TYR B 56 19.33 -6.64 -11.61
CA TYR B 56 20.66 -6.17 -11.93
C TYR B 56 21.67 -7.30 -11.85
N THR B 57 22.70 -7.23 -12.70
CA THR B 57 23.72 -8.25 -12.71
C THR B 57 24.50 -8.26 -11.40
N LEU B 58 24.74 -9.47 -10.88
CA LEU B 58 25.56 -9.82 -9.73
C LEU B 58 26.90 -10.38 -10.20
N PRO B 59 27.95 -10.24 -9.38
CA PRO B 59 29.25 -10.84 -9.74
C PRO B 59 29.14 -12.34 -9.95
N GLN B 60 30.15 -12.87 -10.64
CA GLN B 60 30.23 -14.29 -10.94
C GLN B 60 30.10 -15.14 -9.68
N GLY B 61 29.21 -16.13 -9.73
CA GLY B 61 29.04 -17.08 -8.66
C GLY B 61 27.98 -16.74 -7.63
N PHE B 62 27.23 -15.66 -7.81
CA PHE B 62 26.21 -15.25 -6.86
C PHE B 62 24.88 -15.06 -7.59
N THR B 63 23.79 -15.29 -6.86
CA THR B 63 22.46 -15.22 -7.43
C THR B 63 21.50 -14.55 -6.44
N TRP B 64 20.50 -13.86 -6.99
CA TRP B 64 19.43 -13.32 -6.18
C TRP B 64 18.54 -14.43 -5.65
N ASP B 65 17.96 -14.20 -4.47
CA ASP B 65 16.99 -15.14 -3.93
C ASP B 65 16.09 -14.40 -2.94
N ALA B 66 14.82 -14.23 -3.30
CA ALA B 66 13.84 -13.74 -2.35
C ALA B 66 13.68 -14.75 -1.22
N LEU B 67 13.78 -14.26 0.02
CA LEU B 67 13.74 -15.12 1.19
C LEU B 67 12.31 -15.24 1.68
N ASP B 68 11.80 -16.47 1.72
CA ASP B 68 10.48 -16.75 2.29
C ASP B 68 10.68 -16.95 3.78
N LEU B 69 10.49 -15.87 4.54
CA LEU B 69 10.67 -15.93 5.99
C LEU B 69 9.61 -16.78 6.67
N GLY B 70 8.52 -17.12 5.97
CA GLY B 70 7.59 -18.11 6.48
C GLY B 70 8.20 -19.50 6.56
N ASP B 71 9.25 -19.76 5.78
CA ASP B 71 10.04 -20.98 5.89
C ASP B 71 10.98 -20.85 7.09
N ARG B 72 10.78 -21.69 8.09
CA ARG B 72 11.55 -21.59 9.33
C ARG B 72 13.06 -21.67 9.06
N GLY B 73 13.47 -22.58 8.17
CA GLY B 73 14.88 -22.75 7.89
C GLY B 73 15.50 -21.57 7.17
N VAL B 74 14.74 -20.91 6.29
CA VAL B 74 15.26 -19.74 5.60
C VAL B 74 15.34 -18.56 6.56
N LEU B 75 14.33 -18.39 7.40
CA LEU B 75 14.39 -17.40 8.47
C LEU B 75 15.64 -17.59 9.32
N LYS B 76 15.96 -18.85 9.64
CA LYS B 76 17.15 -19.12 10.44
C LYS B 76 18.43 -18.77 9.69
N GLU B 77 18.44 -18.94 8.37
CA GLU B 77 19.59 -18.49 7.57
C GLU B 77 19.76 -16.98 7.68
N LEU B 78 18.65 -16.23 7.58
CA LEU B 78 18.73 -14.79 7.72
C LEU B 78 19.20 -14.39 9.11
N TYR B 79 18.67 -15.05 10.15
CA TYR B 79 19.16 -14.80 11.50
C TYR B 79 20.66 -14.99 11.57
N THR B 80 21.17 -16.07 10.96
CA THR B 80 22.59 -16.38 11.07
C THR B 80 23.45 -15.39 10.29
N LEU B 81 22.99 -14.97 9.11
CA LEU B 81 23.72 -13.95 8.36
C LEU B 81 23.88 -12.68 9.18
N LEU B 82 22.79 -12.20 9.78
CA LEU B 82 22.84 -10.97 10.57
C LEU B 82 23.59 -11.17 11.88
N ASN B 83 23.38 -12.31 12.54
CA ASN B 83 24.04 -12.56 13.82
C ASN B 83 25.55 -12.46 13.70
N GLU B 84 26.11 -12.84 12.56
CA GLU B 84 27.55 -12.91 12.38
C GLU B 84 28.13 -11.75 11.58
N ASN B 85 27.30 -11.00 10.85
CA ASN B 85 27.81 -10.00 9.92
C ASN B 85 27.15 -8.63 10.00
N TYR B 86 26.16 -8.43 10.87
CA TYR B 86 25.45 -7.16 10.88
C TYR B 86 26.19 -6.11 11.71
N VAL B 87 25.45 -5.13 12.23
CA VAL B 87 26.07 -3.88 12.71
C VAL B 87 26.87 -4.15 13.97
N GLU B 88 28.10 -3.67 13.98
CA GLU B 88 28.98 -3.72 15.14
C GLU B 88 29.27 -2.31 15.64
N ASP B 89 29.69 -2.23 16.90
CA ASP B 89 30.24 -0.98 17.40
C ASP B 89 31.63 -0.76 16.80
N ASP B 90 32.15 0.46 16.98
CA ASP B 90 33.42 0.82 16.36
C ASP B 90 34.57 -0.02 16.91
N ASP B 91 34.51 -0.38 18.19
CA ASP B 91 35.56 -1.18 18.81
C ASP B 91 35.39 -2.68 18.54
N ASN B 92 34.37 -3.08 17.80
CA ASN B 92 34.12 -4.48 17.46
C ASN B 92 33.95 -5.34 18.71
N MET B 93 33.25 -4.79 19.71
CA MET B 93 32.99 -5.50 20.95
C MET B 93 31.60 -6.12 21.01
N PHE B 94 30.61 -5.47 20.39
CA PHE B 94 29.23 -5.91 20.45
C PHE B 94 28.64 -5.93 19.05
N ARG B 95 27.69 -6.84 18.82
CA ARG B 95 27.02 -6.96 17.54
C ARG B 95 25.54 -7.24 17.78
N PHE B 96 24.69 -6.59 16.97
CA PHE B 96 23.25 -6.81 17.05
C PHE B 96 22.93 -8.30 16.91
N ASP B 97 21.95 -8.75 17.69
CA ASP B 97 21.52 -10.16 17.67
C ASP B 97 20.00 -10.22 17.53
N TYR B 98 19.48 -9.68 16.42
CA TYR B 98 18.06 -9.77 16.10
C TYR B 98 17.60 -11.22 16.12
N SER B 99 16.59 -11.51 16.92
CA SER B 99 16.05 -12.87 17.00
C SER B 99 15.17 -13.15 15.79
N PRO B 100 14.98 -14.43 15.44
CA PRO B 100 14.10 -14.76 14.29
C PRO B 100 12.70 -14.20 14.43
N GLU B 101 12.12 -14.29 15.64
CA GLU B 101 10.77 -13.77 15.85
C GLU B 101 10.74 -12.26 15.67
N PHE B 102 11.80 -11.56 16.09
CA PHE B 102 11.89 -10.12 15.86
C PHE B 102 11.90 -9.81 14.37
N LEU B 103 12.67 -10.58 13.59
CA LEU B 103 12.75 -10.30 12.16
C LEU B 103 11.41 -10.48 11.48
N LEU B 104 10.61 -11.45 11.93
CA LEU B 104 9.26 -11.61 11.41
C LEU B 104 8.40 -10.38 11.74
N TRP B 105 8.53 -9.88 12.97
CA TRP B 105 7.84 -8.65 13.35
C TRP B 105 8.30 -7.47 12.49
N ALA B 106 9.62 -7.31 12.35
CA ALA B 106 10.15 -6.14 11.65
C ALA B 106 9.93 -6.21 10.15
N LEU B 107 9.94 -7.42 9.56
CA LEU B 107 9.95 -7.56 8.12
C LEU B 107 8.61 -7.92 7.51
N ARG B 108 7.61 -8.28 8.32
CA ARG B 108 6.27 -8.60 7.82
C ARG B 108 5.20 -7.73 8.48
N PRO B 109 5.28 -6.41 8.35
CA PRO B 109 4.18 -5.56 8.76
C PRO B 109 3.10 -5.57 7.70
N PRO B 110 1.93 -4.97 7.96
CA PRO B 110 0.90 -4.90 6.92
C PRO B 110 1.45 -4.31 5.63
N GLY B 111 1.18 -4.99 4.52
CA GLY B 111 1.64 -4.55 3.22
C GLY B 111 2.99 -5.06 2.80
N TRP B 112 3.60 -5.96 3.56
CA TRP B 112 4.89 -6.51 3.16
C TRP B 112 4.76 -7.30 1.87
N LEU B 113 5.85 -7.33 1.11
CA LEU B 113 5.90 -8.03 -0.17
C LEU B 113 7.08 -8.99 -0.18
N PRO B 114 6.88 -10.21 -0.68
CA PRO B 114 7.98 -11.19 -0.64
C PRO B 114 9.19 -10.77 -1.45
N GLN B 115 8.99 -10.04 -2.55
CA GLN B 115 10.12 -9.60 -3.37
C GLN B 115 10.96 -8.51 -2.69
N TRP B 116 10.46 -7.89 -1.63
CA TRP B 116 11.22 -6.89 -0.90
C TRP B 116 12.09 -7.50 0.20
N HIS B 117 12.13 -8.82 0.30
CA HIS B 117 13.07 -9.54 1.18
C HIS B 117 14.15 -10.12 0.29
N CYS B 118 15.15 -9.29 -0.01
CA CYS B 118 16.02 -9.50 -1.17
C CYS B 118 17.38 -10.00 -0.69
N GLY B 119 17.61 -11.31 -0.85
CA GLY B 119 18.86 -11.92 -0.44
C GLY B 119 19.77 -12.25 -1.62
N VAL B 120 21.02 -12.58 -1.28
CA VAL B 120 22.02 -13.00 -2.25
C VAL B 120 22.66 -14.27 -1.75
N ARG B 121 22.81 -15.26 -2.63
CA ARG B 121 23.35 -16.56 -2.27
C ARG B 121 24.52 -16.92 -3.19
N VAL B 122 25.43 -17.75 -2.67
CA VAL B 122 26.48 -18.34 -3.48
C VAL B 122 25.88 -19.47 -4.30
N VAL B 123 26.14 -19.46 -5.61
CA VAL B 123 25.49 -20.41 -6.51
C VAL B 123 25.83 -21.85 -6.12
N SER B 124 27.09 -22.12 -5.81
CA SER B 124 27.51 -23.50 -5.56
C SER B 124 26.96 -24.03 -4.24
N SER B 125 27.03 -23.24 -3.17
CA SER B 125 26.74 -23.71 -1.84
C SER B 125 25.38 -23.29 -1.31
N ARG B 126 24.70 -22.34 -1.96
CA ARG B 126 23.45 -21.74 -1.49
C ARG B 126 23.63 -20.97 -0.19
N LYS B 127 24.87 -20.61 0.16
CA LYS B 127 25.11 -19.89 1.40
C LYS B 127 24.59 -18.45 1.29
N LEU B 128 23.80 -18.02 2.26
CA LEU B 128 23.31 -16.66 2.29
C LEU B 128 24.44 -15.71 2.66
N VAL B 129 24.72 -14.74 1.79
CA VAL B 129 25.85 -13.85 1.95
C VAL B 129 25.49 -12.39 1.78
N GLY B 130 24.23 -12.06 1.52
CA GLY B 130 23.83 -10.68 1.35
C GLY B 130 22.34 -10.52 1.58
N PHE B 131 21.96 -9.33 2.03
CA PHE B 131 20.55 -9.07 2.28
C PHE B 131 20.28 -7.58 2.27
N ILE B 132 19.07 -7.22 1.84
CA ILE B 132 18.51 -5.89 2.03
C ILE B 132 16.99 -6.07 1.99
N SER B 133 16.28 -5.13 2.62
CA SER B 133 14.83 -5.32 2.74
C SER B 133 14.12 -3.98 2.67
N ALA B 134 12.85 -4.04 2.28
CA ALA B 134 11.95 -2.89 2.26
C ALA B 134 10.62 -3.29 2.86
N ILE B 135 10.02 -2.36 3.61
CA ILE B 135 8.64 -2.49 4.05
C ILE B 135 7.91 -1.20 3.69
N PRO B 136 6.63 -1.26 3.36
CA PRO B 136 5.91 -0.02 3.00
C PRO B 136 5.63 0.82 4.23
N ALA B 137 5.69 2.14 4.05
CA ALA B 137 5.43 3.07 5.14
C ALA B 137 4.86 4.36 4.58
N ASN B 138 3.81 4.85 5.23
CA ASN B 138 3.33 6.20 4.98
C ASN B 138 4.09 7.16 5.89
N ILE B 139 4.66 8.20 5.31
CA ILE B 139 5.60 9.07 6.00
C ILE B 139 5.15 10.51 5.87
N HIS B 140 5.10 11.21 7.00
CA HIS B 140 4.77 12.64 7.05
C HIS B 140 6.07 13.41 7.19
N ILE B 141 6.44 14.17 6.17
CA ILE B 141 7.65 14.98 6.19
C ILE B 141 7.24 16.43 5.97
N TYR B 142 7.37 17.24 7.01
CA TYR B 142 6.92 18.62 7.02
C TYR B 142 5.45 18.72 6.61
N ASP B 143 5.19 19.30 5.45
CA ASP B 143 3.82 19.57 5.04
C ASP B 143 3.28 18.48 4.12
N THR B 144 4.03 17.42 3.89
CA THR B 144 3.68 16.41 2.89
C THR B 144 3.54 15.03 3.53
N GLU B 145 2.58 14.27 3.03
CA GLU B 145 2.36 12.88 3.41
C GLU B 145 2.62 12.02 2.17
N LYS B 146 3.59 11.11 2.27
CA LYS B 146 4.02 10.32 1.12
C LYS B 146 4.05 8.84 1.46
N LYS B 147 3.64 8.03 0.50
CA LYS B 147 3.86 6.59 0.58
C LYS B 147 5.32 6.29 0.25
N MET B 148 6.02 5.65 1.17
CA MET B 148 7.44 5.37 1.03
C MET B 148 7.71 3.91 1.38
N VAL B 149 8.98 3.54 1.35
CA VAL B 149 9.45 2.31 1.95
C VAL B 149 10.50 2.65 3.00
N GLU B 150 10.59 1.80 4.02
CA GLU B 150 11.71 1.82 4.94
C GLU B 150 12.70 0.76 4.53
N ILE B 151 13.95 1.15 4.31
CA ILE B 151 15.01 0.23 3.97
C ILE B 151 15.76 -0.13 5.25
N ASN B 152 16.04 -1.40 5.44
CA ASN B 152 16.71 -1.86 6.66
C ASN B 152 17.40 -3.19 6.37
N PHE B 153 18.27 -3.58 7.30
CA PHE B 153 18.95 -4.87 7.30
C PHE B 153 19.82 -5.09 6.06
N LEU B 154 20.36 -4.00 5.52
CA LEU B 154 21.42 -4.12 4.52
C LEU B 154 22.61 -4.82 5.15
N CYS B 155 22.98 -5.97 4.61
CA CYS B 155 24.05 -6.76 5.18
C CYS B 155 24.81 -7.47 4.06
N VAL B 156 26.14 -7.37 4.12
CA VAL B 156 27.03 -8.10 3.23
C VAL B 156 27.99 -8.90 4.09
N HIS B 157 28.16 -10.18 3.76
CA HIS B 157 29.02 -11.07 4.52
C HIS B 157 30.41 -10.47 4.65
N LYS B 158 31.06 -10.76 5.80
CA LYS B 158 32.33 -10.14 6.11
C LYS B 158 33.39 -10.47 5.06
N LYS B 159 33.35 -11.68 4.50
CA LYS B 159 34.32 -12.06 3.48
C LYS B 159 34.03 -11.47 2.12
N LEU B 160 32.92 -10.74 1.95
CA LEU B 160 32.59 -10.11 0.69
C LEU B 160 32.65 -8.59 0.76
N ARG B 161 33.22 -8.03 1.84
CA ARG B 161 33.20 -6.60 2.04
C ARG B 161 34.16 -5.89 1.09
N SER B 162 33.83 -4.63 0.79
CA SER B 162 34.66 -3.75 -0.03
C SER B 162 34.86 -4.29 -1.45
N LYS B 163 33.86 -4.98 -1.98
CA LYS B 163 33.83 -5.36 -3.39
C LYS B 163 32.67 -4.71 -4.13
N ARG B 164 32.06 -3.70 -3.51
CA ARG B 164 30.98 -2.90 -4.11
C ARG B 164 29.75 -3.75 -4.41
N VAL B 165 29.46 -4.69 -3.50
CA VAL B 165 28.20 -5.42 -3.58
C VAL B 165 27.04 -4.56 -3.07
N ALA B 166 27.31 -3.71 -2.07
CA ALA B 166 26.24 -2.90 -1.49
C ALA B 166 25.55 -1.99 -2.50
N PRO B 167 26.25 -1.30 -3.41
CA PRO B 167 25.52 -0.55 -4.45
C PRO B 167 24.60 -1.42 -5.31
N VAL B 168 24.97 -2.69 -5.53
CA VAL B 168 24.10 -3.58 -6.30
C VAL B 168 22.84 -3.90 -5.52
N LEU B 169 22.99 -4.23 -4.23
CA LEU B 169 21.84 -4.51 -3.39
C LEU B 169 20.91 -3.31 -3.32
N ILE B 170 21.47 -2.11 -3.12
CA ILE B 170 20.65 -0.92 -3.05
C ILE B 170 19.96 -0.65 -4.38
N ARG B 171 20.68 -0.85 -5.49
CA ARG B 171 20.08 -0.64 -6.79
C ARG B 171 18.98 -1.65 -7.08
N GLU B 172 19.17 -2.91 -6.65
CA GLU B 172 18.15 -3.92 -6.90
C GLU B 172 16.88 -3.66 -6.10
N ILE B 173 17.02 -3.30 -4.83
CA ILE B 173 15.81 -3.02 -4.05
C ILE B 173 15.11 -1.78 -4.57
N THR B 174 15.88 -0.80 -5.05
CA THR B 174 15.28 0.41 -5.63
C THR B 174 14.41 0.05 -6.83
N ARG B 175 14.93 -0.82 -7.71
CA ARG B 175 14.17 -1.25 -8.87
C ARG B 175 12.91 -2.01 -8.47
N ARG B 176 13.02 -2.86 -7.44
CA ARG B 176 11.85 -3.64 -7.01
C ARG B 176 10.79 -2.76 -6.35
N VAL B 177 11.20 -1.64 -5.77
CA VAL B 177 10.23 -0.73 -5.16
C VAL B 177 9.60 0.17 -6.21
N HIS B 178 10.38 0.57 -7.23
CA HIS B 178 9.83 1.35 -8.32
C HIS B 178 8.75 0.58 -9.07
N LEU B 179 8.95 -0.72 -9.26
CA LEU B 179 7.95 -1.55 -9.93
C LEU B 179 6.61 -1.51 -9.20
N GLU B 180 6.63 -1.29 -7.88
CA GLU B 180 5.43 -1.12 -7.10
C GLU B 180 4.93 0.32 -7.09
N GLY B 181 5.58 1.21 -7.83
CA GLY B 181 5.11 2.58 -7.94
C GLY B 181 5.47 3.48 -6.78
N ILE B 182 6.50 3.15 -6.02
CA ILE B 182 6.95 3.94 -4.89
C ILE B 182 8.31 4.53 -5.27
N PHE B 183 8.50 5.82 -5.00
CA PHE B 183 9.67 6.53 -5.50
C PHE B 183 10.39 7.30 -4.39
N GLN B 184 10.09 7.01 -3.12
CA GLN B 184 10.79 7.63 -2.00
C GLN B 184 11.00 6.58 -0.91
N ALA B 185 12.07 6.74 -0.16
CA ALA B 185 12.40 5.82 0.91
C ALA B 185 12.97 6.58 2.09
N VAL B 186 12.81 6.00 3.28
CA VAL B 186 13.40 6.52 4.51
C VAL B 186 14.29 5.43 5.10
N TYR B 187 15.41 5.84 5.68
CA TYR B 187 16.35 4.90 6.28
C TYR B 187 17.26 5.65 7.23
N THR B 188 17.87 4.91 8.15
CA THR B 188 18.87 5.46 9.05
C THR B 188 20.16 4.66 8.93
N ALA B 189 21.24 5.23 9.43
CA ALA B 189 22.55 4.58 9.39
C ALA B 189 23.51 5.29 10.32
N GLY B 190 24.50 4.57 10.81
CA GLY B 190 25.54 5.14 11.64
C GLY B 190 26.63 5.88 10.88
N VAL B 191 26.72 5.66 9.57
CA VAL B 191 27.70 6.37 8.75
C VAL B 191 27.06 7.62 8.19
N VAL B 192 27.89 8.56 7.75
CA VAL B 192 27.43 9.80 7.15
C VAL B 192 27.46 9.64 5.64
N LEU B 193 26.30 9.86 5.01
CA LEU B 193 26.12 9.79 3.57
C LEU B 193 25.43 11.05 3.11
N PRO B 194 25.41 11.33 1.81
CA PRO B 194 24.57 12.42 1.30
C PRO B 194 23.11 11.99 1.27
N LYS B 195 22.26 12.71 2.00
CA LYS B 195 22.61 13.75 2.96
C LYS B 195 21.60 13.68 4.10
N PRO B 196 22.07 13.73 5.35
CA PRO B 196 21.17 13.48 6.48
C PRO B 196 20.10 14.55 6.62
N VAL B 197 18.86 14.11 6.79
CA VAL B 197 17.77 15.02 7.13
C VAL B 197 17.73 15.31 8.62
N GLY B 198 18.32 14.45 9.44
CA GLY B 198 18.34 14.66 10.87
C GLY B 198 19.43 13.81 11.48
N THR B 199 19.99 14.30 12.58
CA THR B 199 21.09 13.62 13.28
C THR B 199 20.69 13.44 14.74
N CYS B 200 20.46 12.19 15.13
CA CYS B 200 20.12 11.84 16.49
C CYS B 200 21.28 11.13 17.17
N ARG B 201 21.22 11.07 18.49
CA ARG B 201 22.30 10.51 19.29
C ARG B 201 21.71 9.52 20.29
N TYR B 202 22.47 8.46 20.56
CA TYR B 202 22.00 7.42 21.46
C TYR B 202 22.41 7.73 22.90
N TRP B 203 21.46 7.54 23.82
CA TRP B 203 21.70 7.63 25.24
C TRP B 203 21.38 6.29 25.87
N HIS B 204 22.12 5.93 26.92
CA HIS B 204 22.01 4.62 27.54
C HIS B 204 21.76 4.78 29.04
N ARG B 205 20.79 4.04 29.56
CA ARG B 205 20.46 4.05 30.99
C ARG B 205 20.80 2.69 31.56
N SER B 206 21.76 2.66 32.49
CA SER B 206 22.21 1.41 33.09
C SER B 206 21.10 0.83 33.96
N LEU B 207 20.85 -0.47 33.80
CA LEU B 207 20.00 -1.22 34.69
C LEU B 207 20.72 -2.35 35.40
N ASN B 208 21.79 -2.86 34.81
CA ASN B 208 22.64 -3.89 35.42
C ASN B 208 24.06 -3.36 35.35
N PRO B 209 24.42 -2.43 36.24
CA PRO B 209 25.71 -1.72 36.06
C PRO B 209 26.95 -2.60 36.15
N ARG B 210 26.98 -3.58 37.05
CA ARG B 210 28.19 -4.40 37.17
C ARG B 210 28.49 -5.16 35.89
N LYS B 211 27.46 -5.68 35.23
CA LYS B 211 27.67 -6.36 33.96
C LYS B 211 28.15 -5.39 32.88
N LEU B 212 27.56 -4.19 32.84
CA LEU B 212 27.94 -3.22 31.82
C LEU B 212 29.38 -2.75 31.99
N ILE B 213 29.88 -2.75 33.22
CA ILE B 213 31.28 -2.38 33.44
C ILE B 213 32.21 -3.56 33.16
N GLU B 214 31.80 -4.77 33.58
CA GLU B 214 32.61 -5.96 33.36
C GLU B 214 32.88 -6.17 31.87
N VAL B 215 31.88 -5.94 31.01
CA VAL B 215 32.05 -6.12 29.58
C VAL B 215 32.51 -4.84 28.89
N LYS B 216 32.77 -3.77 29.64
CA LYS B 216 33.29 -2.50 29.13
C LYS B 216 32.30 -1.77 28.22
N PHE B 217 31.02 -2.10 28.31
CA PHE B 217 29.99 -1.22 27.77
C PHE B 217 30.02 0.12 28.51
N SER B 218 30.09 0.06 29.83
CA SER B 218 30.25 1.21 30.70
C SER B 218 31.62 1.17 31.36
N HIS B 219 31.98 2.27 32.01
N HIS B 219 31.96 2.27 32.02
CA HIS B 219 33.17 2.32 32.83
CA HIS B 219 33.18 2.37 32.81
C HIS B 219 32.89 3.14 34.08
C HIS B 219 32.86 3.13 34.10
N LEU B 220 33.59 2.79 35.16
CA LEU B 220 33.43 3.50 36.41
C LEU B 220 33.88 4.95 36.25
N SER B 221 32.99 5.89 36.57
CA SER B 221 33.35 7.29 36.52
C SER B 221 34.20 7.65 37.74
N ARG B 222 34.88 8.78 37.65
CA ARG B 222 35.98 9.11 38.55
C ARG B 222 35.57 9.01 40.02
N ASN B 223 36.35 8.22 40.78
CA ASN B 223 36.20 8.09 42.23
C ASN B 223 34.83 7.56 42.62
N MET B 224 34.29 6.64 41.84
CA MET B 224 33.06 5.95 42.16
C MET B 224 33.33 4.47 42.33
N THR B 225 32.94 3.93 43.48
CA THR B 225 33.03 2.50 43.71
C THR B 225 32.02 1.76 42.84
N MET B 226 32.19 0.44 42.78
CA MET B 226 31.14 -0.38 42.18
C MET B 226 29.91 -0.42 43.07
N GLN B 227 30.11 -0.44 44.39
CA GLN B 227 28.99 -0.43 45.32
C GLN B 227 28.20 0.89 45.24
N ARG B 228 28.90 2.02 45.14
CA ARG B 228 28.17 3.28 45.02
C ARG B 228 27.55 3.44 43.63
N THR B 229 28.16 2.86 42.60
CA THR B 229 27.55 2.90 41.29
C THR B 229 26.25 2.11 41.27
N MET B 230 26.25 0.93 41.88
CA MET B 230 25.04 0.11 41.92
C MET B 230 23.93 0.77 42.73
N LYS B 231 24.30 1.54 43.77
CA LYS B 231 23.29 2.27 44.53
C LYS B 231 22.76 3.45 43.74
N LEU B 232 23.61 4.09 42.94
CA LEU B 232 23.18 5.23 42.14
C LEU B 232 22.10 4.83 41.14
N TYR B 233 22.23 3.66 40.54
CA TYR B 233 21.35 3.25 39.44
C TYR B 233 20.20 2.36 39.87
N ARG B 234 20.14 1.96 41.15
CA ARG B 234 19.07 1.06 41.59
C ARG B 234 17.71 1.72 41.41
N LEU B 235 16.71 0.92 41.05
CA LEU B 235 15.39 1.40 40.69
C LEU B 235 14.34 0.76 41.58
N PRO B 236 13.17 1.40 41.72
CA PRO B 236 12.06 0.77 42.46
C PRO B 236 11.71 -0.61 41.93
N GLU B 237 11.04 -1.42 42.75
CA GLU B 237 10.67 -2.78 42.35
C GLU B 237 9.39 -2.82 41.53
N THR B 238 8.50 -1.85 41.73
CA THR B 238 7.25 -1.76 40.99
C THR B 238 7.10 -0.37 40.41
N PRO B 239 6.38 -0.23 39.30
CA PRO B 239 6.12 1.11 38.76
C PRO B 239 5.19 1.92 39.65
N LYS B 240 5.29 3.24 39.51
CA LYS B 240 4.58 4.16 40.40
C LYS B 240 3.21 4.59 39.87
N THR B 241 3.06 4.74 38.56
CA THR B 241 1.86 5.34 38.00
C THR B 241 0.66 4.42 38.18
N ALA B 242 -0.39 4.93 38.83
CA ALA B 242 -1.62 4.18 38.99
C ALA B 242 -2.27 3.93 37.63
N GLY B 243 -2.85 2.74 37.47
CA GLY B 243 -3.53 2.38 36.24
C GLY B 243 -2.64 1.89 35.13
N LEU B 244 -1.35 1.68 35.38
CA LEU B 244 -0.45 1.18 34.36
C LEU B 244 -0.62 -0.33 34.21
N ARG B 245 -0.69 -0.80 32.97
CA ARG B 245 -0.94 -2.20 32.67
C ARG B 245 -0.54 -2.45 31.22
N PRO B 246 -0.30 -3.71 30.86
CA PRO B 246 0.00 -4.02 29.45
C PRO B 246 -1.15 -3.67 28.53
N MET B 247 -0.81 -3.44 27.26
CA MET B 247 -1.80 -3.14 26.24
C MET B 247 -2.61 -4.39 25.90
N GLU B 248 -3.89 -4.19 25.62
CA GLU B 248 -4.79 -5.29 25.28
C GLU B 248 -5.45 -5.00 23.94
N THR B 249 -6.12 -6.03 23.40
CA THR B 249 -6.81 -5.89 22.12
C THR B 249 -7.74 -4.69 22.11
N LYS B 250 -8.45 -4.45 23.21
CA LYS B 250 -9.41 -3.35 23.26
C LYS B 250 -8.74 -1.98 23.29
N ASP B 251 -7.43 -1.90 23.50
CA ASP B 251 -6.72 -0.63 23.54
C ASP B 251 -6.27 -0.15 22.17
N ILE B 252 -6.36 -0.99 21.13
CA ILE B 252 -5.83 -0.63 19.82
C ILE B 252 -6.42 0.68 19.30
N PRO B 253 -7.75 0.89 19.31
CA PRO B 253 -8.26 2.16 18.77
C PRO B 253 -7.74 3.40 19.47
N VAL B 254 -7.70 3.41 20.81
CA VAL B 254 -7.31 4.62 21.50
C VAL B 254 -5.80 4.83 21.43
N VAL B 255 -5.01 3.75 21.34
CA VAL B 255 -3.58 3.92 21.16
C VAL B 255 -3.28 4.53 19.79
N HIS B 256 -4.04 4.11 18.76
CA HIS B 256 -3.93 4.74 17.45
C HIS B 256 -4.26 6.21 17.53
N GLN B 257 -5.36 6.53 18.22
CA GLN B 257 -5.77 7.93 18.39
C GLN B 257 -4.70 8.74 19.10
N LEU B 258 -4.21 8.25 20.24
CA LEU B 258 -3.20 8.97 21.00
C LEU B 258 -1.93 9.17 20.18
N LEU B 259 -1.45 8.12 19.52
CA LEU B 259 -0.23 8.22 18.75
C LEU B 259 -0.37 9.23 17.61
N THR B 260 -1.47 9.14 16.87
CA THR B 260 -1.67 10.01 15.71
C THR B 260 -1.70 11.48 16.12
N ARG B 261 -2.42 11.79 17.20
CA ARG B 261 -2.48 13.18 17.67
C ARG B 261 -1.13 13.64 18.21
N TYR B 262 -0.44 12.76 18.96
CA TYR B 262 0.82 13.16 19.58
C TYR B 262 1.89 13.46 18.54
N LEU B 263 1.89 12.72 17.42
CA LEU B 263 2.97 12.83 16.44
C LEU B 263 2.89 14.11 15.61
N LYS B 264 1.78 14.84 15.66
CA LYS B 264 1.59 15.97 14.76
C LYS B 264 2.55 17.12 15.03
N GLN B 265 3.13 17.19 16.23
CA GLN B 265 4.04 18.28 16.57
C GLN B 265 5.43 18.11 15.97
N PHE B 266 5.72 16.97 15.36
CA PHE B 266 7.04 16.71 14.79
C PHE B 266 6.99 16.83 13.27
N HIS B 267 8.18 16.84 12.66
CA HIS B 267 8.30 17.10 11.23
C HIS B 267 8.61 15.86 10.39
N LEU B 268 9.06 14.77 11.01
CA LEU B 268 9.29 13.50 10.33
C LEU B 268 8.65 12.42 11.19
N THR B 269 7.48 11.92 10.79
CA THR B 269 6.73 10.95 11.57
C THR B 269 6.14 9.90 10.64
N PRO B 270 5.82 8.72 11.17
CA PRO B 270 4.99 7.78 10.42
C PRO B 270 3.53 8.15 10.51
N VAL B 271 2.78 7.72 9.49
CA VAL B 271 1.32 7.80 9.49
C VAL B 271 0.84 6.35 9.50
N MET B 272 0.42 5.87 10.67
CA MET B 272 0.07 4.46 10.86
C MET B 272 -1.43 4.26 10.73
N SER B 273 -1.82 3.25 9.94
CA SER B 273 -3.17 2.75 9.97
C SER B 273 -3.45 2.07 11.30
N GLN B 274 -4.73 1.81 11.58
CA GLN B 274 -5.05 1.10 12.82
C GLN B 274 -4.51 -0.33 12.79
N GLU B 275 -4.42 -0.93 11.60
CA GLU B 275 -3.80 -2.26 11.51
C GLU B 275 -2.31 -2.19 11.80
N GLU B 276 -1.64 -1.13 11.34
CA GLU B 276 -0.22 -1.00 11.62
C GLU B 276 0.06 -0.76 13.09
N VAL B 277 -0.84 -0.02 13.76
CA VAL B 277 -0.68 0.20 15.20
C VAL B 277 -0.77 -1.13 15.95
N GLU B 278 -1.73 -1.98 15.58
CA GLU B 278 -1.83 -3.29 16.19
C GLU B 278 -0.54 -4.08 16.01
N HIS B 279 -0.03 -4.14 14.77
CA HIS B 279 1.19 -4.87 14.50
C HIS B 279 2.36 -4.33 15.33
N TRP B 280 2.57 -3.01 15.29
CA TRP B 280 3.78 -2.46 15.91
C TRP B 280 3.71 -2.43 17.43
N PHE B 281 2.51 -2.33 18.01
CA PHE B 281 2.42 -2.07 19.44
C PHE B 281 1.83 -3.20 20.27
N TYR B 282 1.03 -4.09 19.70
CA TYR B 282 0.43 -5.14 20.50
C TYR B 282 1.52 -6.03 21.09
N PRO B 283 1.57 -6.19 22.41
CA PRO B 283 2.76 -6.80 23.03
C PRO B 283 3.03 -8.21 22.54
N GLN B 284 4.32 -8.50 22.34
CA GLN B 284 4.81 -9.84 22.08
C GLN B 284 6.06 -10.04 22.92
N GLU B 285 6.08 -11.12 23.71
CA GLU B 285 7.19 -11.36 24.63
C GLU B 285 8.51 -11.44 23.87
N ASN B 286 9.53 -10.75 24.40
CA ASN B 286 10.87 -10.70 23.86
C ASN B 286 10.93 -10.01 22.50
N ILE B 287 9.90 -9.26 22.13
CA ILE B 287 9.91 -8.51 20.87
C ILE B 287 9.52 -7.06 21.13
N ILE B 288 8.28 -6.83 21.56
CA ILE B 288 7.77 -5.48 21.76
C ILE B 288 6.89 -5.46 23.01
N ASP B 289 7.06 -4.45 23.84
CA ASP B 289 6.27 -4.24 25.03
C ASP B 289 5.56 -2.90 24.94
N THR B 290 4.28 -2.87 25.30
CA THR B 290 3.51 -1.65 25.36
C THR B 290 2.68 -1.64 26.64
N PHE B 291 2.74 -0.53 27.37
CA PHE B 291 1.99 -0.37 28.60
C PHE B 291 1.16 0.90 28.51
N VAL B 292 -0.11 0.80 28.85
CA VAL B 292 -1.03 1.94 28.79
C VAL B 292 -1.37 2.38 30.21
N VAL B 293 -1.79 3.63 30.32
CA VAL B 293 -2.28 4.19 31.58
C VAL B 293 -3.78 4.37 31.44
N GLU B 294 -4.53 3.58 32.20
CA GLU B 294 -5.99 3.69 32.25
C GLU B 294 -6.37 4.51 33.47
N ASN B 295 -7.17 5.57 33.27
CA ASN B 295 -7.50 6.47 34.37
C ASN B 295 -8.68 5.90 35.16
N ALA B 296 -9.22 6.71 36.07
CA ALA B 296 -10.28 6.25 36.96
C ALA B 296 -11.54 5.86 36.17
N ASN B 297 -11.90 6.66 35.17
CA ASN B 297 -13.09 6.40 34.37
C ASN B 297 -12.83 5.43 33.23
N GLY B 298 -11.70 4.74 33.22
CA GLY B 298 -11.43 3.72 32.22
C GLY B 298 -10.91 4.22 30.90
N GLU B 299 -10.48 5.48 30.81
CA GLU B 299 -9.94 6.02 29.57
C GLU B 299 -8.42 5.89 29.56
N VAL B 300 -7.88 5.35 28.47
CA VAL B 300 -6.44 5.32 28.30
C VAL B 300 -5.94 6.71 27.94
N THR B 301 -4.97 7.20 28.72
CA THR B 301 -4.47 8.57 28.54
C THR B 301 -3.01 8.64 28.13
N ASP B 302 -2.21 7.61 28.40
CA ASP B 302 -0.80 7.61 28.05
C ASP B 302 -0.39 6.19 27.72
N PHE B 303 0.73 6.05 27.00
CA PHE B 303 1.34 4.75 26.86
C PHE B 303 2.83 4.89 26.61
N LEU B 304 3.57 3.88 27.07
CA LEU B 304 4.99 3.72 26.79
C LEU B 304 5.20 2.43 26.02
N SER B 305 6.29 2.37 25.27
CA SER B 305 6.62 1.17 24.53
C SER B 305 8.13 1.07 24.35
N PHE B 306 8.62 -0.16 24.29
CA PHE B 306 10.03 -0.41 23.99
C PHE B 306 10.15 -1.80 23.40
N TYR B 307 11.15 -2.00 22.55
CA TYR B 307 11.37 -3.28 21.92
C TYR B 307 12.66 -3.94 22.40
N THR B 308 12.74 -5.24 22.15
CA THR B 308 13.80 -6.09 22.66
C THR B 308 14.81 -6.36 21.54
N LEU B 309 16.05 -5.90 21.73
CA LEU B 309 17.12 -6.12 20.76
C LEU B 309 18.40 -6.43 21.53
N PRO B 310 18.75 -7.70 21.68
CA PRO B 310 19.99 -8.06 22.36
C PRO B 310 21.19 -7.88 21.45
N SER B 311 22.36 -7.90 22.06
CA SER B 311 23.60 -7.77 21.32
C SER B 311 24.62 -8.80 21.79
N THR B 312 25.28 -9.42 20.83
CA THR B 312 26.35 -10.36 21.13
C THR B 312 27.53 -9.62 21.75
N ILE B 313 28.04 -10.15 22.85
CA ILE B 313 29.28 -9.68 23.45
C ILE B 313 30.40 -10.59 22.98
N MET B 314 31.44 -10.01 22.40
CA MET B 314 32.53 -10.81 21.86
C MET B 314 33.67 -10.93 22.87
N ASN B 315 34.35 -12.08 22.82
CA ASN B 315 35.59 -12.33 23.56
C ASN B 315 35.42 -12.17 25.07
N HIS B 316 34.21 -12.41 25.60
CA HIS B 316 34.19 -12.41 27.06
C HIS B 316 33.91 -13.81 27.59
N PRO B 317 34.65 -14.24 28.63
CA PRO B 317 34.52 -15.64 29.08
C PRO B 317 33.20 -15.99 29.72
N THR B 318 32.51 -15.05 30.38
CA THR B 318 31.25 -15.34 31.04
C THR B 318 30.05 -14.65 30.42
N HIS B 319 30.17 -13.37 30.07
CA HIS B 319 29.08 -12.63 29.48
C HIS B 319 29.11 -12.82 27.96
N LYS B 320 28.04 -13.41 27.42
CA LYS B 320 27.93 -13.68 26.01
C LYS B 320 26.95 -12.78 25.29
N SER B 321 26.03 -12.15 26.02
CA SER B 321 24.95 -11.41 25.39
C SER B 321 24.51 -10.28 26.31
N LEU B 322 24.15 -9.16 25.71
CA LEU B 322 23.66 -7.98 26.42
C LEU B 322 22.20 -7.77 26.05
N LYS B 323 21.32 -7.84 27.04
N LYS B 323 21.32 -7.83 27.04
CA LYS B 323 19.89 -7.67 26.82
CA LYS B 323 19.88 -7.67 26.83
C LYS B 323 19.56 -6.18 26.90
C LYS B 323 19.56 -6.19 26.90
N ALA B 324 19.23 -5.58 25.75
CA ALA B 324 19.01 -4.16 25.64
C ALA B 324 17.57 -3.86 25.26
N ALA B 325 16.97 -2.90 25.97
CA ALA B 325 15.65 -2.38 25.64
C ALA B 325 15.84 -1.06 24.89
N TYR B 326 14.99 -0.84 23.88
CA TYR B 326 15.06 0.35 23.04
C TYR B 326 13.74 1.08 23.11
N SER B 327 13.78 2.35 23.53
CA SER B 327 12.58 3.18 23.54
C SER B 327 11.96 3.25 22.15
N PHE B 328 10.63 3.13 22.09
CA PHE B 328 9.92 3.09 20.83
C PHE B 328 9.10 4.37 20.74
N TYR B 329 7.80 4.33 20.99
CA TYR B 329 6.97 5.53 21.03
C TYR B 329 6.37 5.68 22.42
N ASN B 330 6.40 6.90 22.94
CA ASN B 330 5.89 7.19 24.27
C ASN B 330 4.99 8.41 24.19
N VAL B 331 3.73 8.24 24.58
CA VAL B 331 2.69 9.25 24.37
C VAL B 331 2.13 9.63 25.74
N HIS B 332 2.18 10.92 26.05
CA HIS B 332 1.71 11.44 27.33
C HIS B 332 0.69 12.55 27.07
N THR B 333 -0.45 12.48 27.78
CA THR B 333 -1.42 13.57 27.78
C THR B 333 -1.85 13.91 29.20
N GLN B 334 -1.78 12.93 30.12
CA GLN B 334 -2.15 13.13 31.51
C GLN B 334 -1.02 12.78 32.47
N THR B 335 -0.30 11.70 32.23
CA THR B 335 0.87 11.39 33.03
C THR B 335 2.07 12.17 32.50
N PRO B 336 2.87 12.79 33.39
CA PRO B 336 4.08 13.48 32.93
C PRO B 336 5.02 12.49 32.25
N LEU B 337 5.69 12.96 31.20
CA LEU B 337 6.62 12.10 30.46
C LEU B 337 7.69 11.53 31.38
N LEU B 338 8.16 12.33 32.35
CA LEU B 338 9.21 11.88 33.25
C LEU B 338 8.75 10.70 34.10
N ASP B 339 7.50 10.73 34.57
CA ASP B 339 6.96 9.59 35.30
C ASP B 339 6.76 8.40 34.37
N LEU B 340 6.31 8.66 33.14
CA LEU B 340 6.13 7.59 32.16
C LEU B 340 7.43 6.84 31.92
N MET B 341 8.51 7.58 31.67
CA MET B 341 9.79 6.94 31.38
C MET B 341 10.44 6.32 32.60
N SER B 342 10.10 6.80 33.80
N SER B 342 10.10 6.80 33.80
CA SER B 342 10.58 6.15 35.02
CA SER B 342 10.58 6.15 35.02
C SER B 342 10.00 4.75 35.14
C SER B 342 10.00 4.75 35.14
N ASP B 343 8.72 4.58 34.83
CA ASP B 343 8.11 3.26 34.89
C ASP B 343 8.61 2.37 33.76
N ALA B 344 8.96 2.95 32.61
CA ALA B 344 9.58 2.18 31.55
C ALA B 344 10.87 1.54 32.05
N LEU B 345 11.71 2.32 32.74
CA LEU B 345 12.95 1.78 33.29
C LEU B 345 12.68 0.68 34.30
N VAL B 346 11.67 0.86 35.14
CA VAL B 346 11.35 -0.12 36.18
C VAL B 346 10.85 -1.41 35.54
N LEU B 347 9.94 -1.30 34.57
CA LEU B 347 9.45 -2.48 33.87
C LEU B 347 10.57 -3.21 33.15
N ALA B 348 11.43 -2.46 32.45
CA ALA B 348 12.57 -3.08 31.78
C ALA B 348 13.49 -3.78 32.77
N LYS B 349 13.68 -3.17 33.94
CA LYS B 349 14.46 -3.82 34.99
C LYS B 349 13.77 -5.08 35.49
N MET B 350 12.46 -5.01 35.73
CA MET B 350 11.71 -6.20 36.12
C MET B 350 11.85 -7.32 35.09
N LYS B 351 11.95 -6.96 33.80
CA LYS B 351 11.98 -7.93 32.72
C LYS B 351 13.39 -8.43 32.42
N GLY B 352 14.38 -8.08 33.24
CA GLY B 352 15.70 -8.65 33.12
C GLY B 352 16.65 -7.94 32.16
N PHE B 353 16.28 -6.77 31.66
CA PHE B 353 17.16 -6.04 30.74
C PHE B 353 18.40 -5.54 31.46
N ASP B 354 19.49 -5.41 30.70
CA ASP B 354 20.74 -4.85 31.21
C ASP B 354 20.84 -3.34 31.01
N VAL B 355 20.28 -2.83 29.92
CA VAL B 355 20.40 -1.42 29.59
C VAL B 355 19.14 -0.99 28.85
N PHE B 356 18.75 0.26 29.06
CA PHE B 356 17.64 0.89 28.36
C PHE B 356 18.19 1.98 27.46
N ASN B 357 18.03 1.81 26.15
CA ASN B 357 18.56 2.74 25.16
C ASN B 357 17.44 3.65 24.66
N ALA B 358 17.79 4.91 24.39
CA ALA B 358 16.84 5.84 23.80
C ALA B 358 17.61 6.89 23.01
N LEU B 359 16.99 7.37 21.94
CA LEU B 359 17.53 8.45 21.13
C LEU B 359 17.14 9.80 21.73
N ASP B 360 17.81 10.86 21.27
CA ASP B 360 17.52 12.20 21.72
C ASP B 360 16.43 12.89 20.89
N LEU B 361 15.62 12.12 20.18
CA LEU B 361 14.59 12.68 19.32
C LEU B 361 13.30 12.92 20.10
N MET B 362 12.31 13.48 19.42
CA MET B 362 11.00 13.82 19.99
C MET B 362 11.25 14.64 21.26
N GLU B 363 10.57 14.36 22.37
CA GLU B 363 10.76 15.11 23.61
C GLU B 363 11.73 14.43 24.56
N ASN B 364 12.61 13.58 24.05
CA ASN B 364 13.39 12.71 24.95
C ASN B 364 14.41 13.50 25.76
N LYS B 365 14.91 14.62 25.24
CA LYS B 365 15.88 15.41 25.99
C LYS B 365 15.30 16.01 27.26
N THR B 366 13.97 16.11 27.36
CA THR B 366 13.37 16.63 28.59
C THR B 366 13.53 15.67 29.76
N PHE B 367 13.80 14.38 29.51
CA PHE B 367 13.94 13.42 30.59
C PHE B 367 15.26 12.66 30.61
N LEU B 368 16.05 12.69 29.53
CA LEU B 368 17.19 11.79 29.41
C LEU B 368 18.15 11.95 30.59
N GLU B 369 18.62 13.18 30.85
CA GLU B 369 19.62 13.34 31.90
C GLU B 369 18.99 13.33 33.29
N LYS B 370 17.74 13.76 33.43
CA LYS B 370 17.08 13.67 34.74
C LYS B 370 16.91 12.22 35.17
N LEU B 371 16.85 11.30 34.22
CA LEU B 371 16.69 9.88 34.51
C LEU B 371 17.99 9.10 34.45
N LYS B 372 19.14 9.80 34.45
CA LYS B 372 20.47 9.21 34.58
C LYS B 372 20.93 8.46 33.34
N PHE B 373 20.34 8.75 32.17
CA PHE B 373 20.93 8.30 30.92
C PHE B 373 22.30 8.94 30.72
N GLY B 374 23.20 8.18 30.12
CA GLY B 374 24.50 8.70 29.70
C GLY B 374 24.57 8.73 28.18
N ILE B 375 25.22 9.76 27.64
CA ILE B 375 25.26 9.93 26.19
C ILE B 375 26.21 8.91 25.57
N GLY B 376 25.79 8.32 24.45
CA GLY B 376 26.54 7.27 23.81
C GLY B 376 27.57 7.79 22.83
N ASP B 377 28.28 6.85 22.20
CA ASP B 377 29.42 7.19 21.38
C ASP B 377 29.04 7.61 19.96
N GLY B 378 28.04 6.94 19.37
CA GLY B 378 27.76 7.10 17.97
C GLY B 378 26.56 7.99 17.67
N ASN B 379 26.42 8.32 16.40
CA ASN B 379 25.30 9.08 15.87
C ASN B 379 24.42 8.17 15.00
N LEU B 380 23.13 8.41 15.05
CA LEU B 380 22.18 7.79 14.13
C LEU B 380 21.69 8.85 13.16
N GLN B 381 22.02 8.68 11.88
CA GLN B 381 21.61 9.63 10.85
C GLN B 381 20.32 9.17 10.20
N TYR B 382 19.41 10.12 9.98
CA TYR B 382 18.15 9.85 9.30
C TYR B 382 18.23 10.37 7.87
N TYR B 383 17.79 9.55 6.92
CA TYR B 383 17.93 9.88 5.50
C TYR B 383 16.61 9.70 4.76
N LEU B 384 16.44 10.51 3.72
CA LEU B 384 15.35 10.37 2.76
C LEU B 384 15.93 10.21 1.37
N TYR B 385 15.31 9.34 0.57
CA TYR B 385 15.73 9.06 -0.79
C TYR B 385 14.76 9.72 -1.76
N ASN B 386 15.30 10.49 -2.71
CA ASN B 386 14.50 11.19 -3.72
C ASN B 386 13.51 12.16 -3.07
N TRP B 387 13.93 12.80 -1.98
CA TRP B 387 13.14 13.87 -1.38
C TRP B 387 14.09 14.90 -0.80
N LYS B 388 14.08 16.10 -1.38
CA LYS B 388 14.89 17.20 -0.90
C LYS B 388 14.06 18.04 0.06
N CYS B 389 14.60 18.25 1.26
CA CYS B 389 13.92 19.07 2.26
C CYS B 389 14.96 19.61 3.21
N PRO B 390 14.65 20.66 3.96
CA PRO B 390 15.60 21.17 4.96
C PRO B 390 15.78 20.15 6.08
N SER B 391 16.99 20.13 6.62
CA SER B 391 17.25 19.27 7.77
C SER B 391 16.54 19.83 9.00
N MET B 392 16.53 19.03 10.07
CA MET B 392 15.84 19.39 11.29
C MET B 392 16.65 18.94 12.49
N GLY B 393 16.40 19.58 13.62
CA GLY B 393 16.96 19.12 14.87
C GLY B 393 16.35 17.79 15.30
N ALA B 394 17.05 17.11 16.20
CA ALA B 394 16.58 15.80 16.66
C ALA B 394 15.18 15.88 17.26
N GLU B 395 14.88 16.98 17.96
CA GLU B 395 13.61 17.12 18.64
C GLU B 395 12.43 17.14 17.68
N LYS B 396 12.67 17.37 16.39
CA LYS B 396 11.60 17.37 15.40
C LYS B 396 11.48 16.05 14.66
N VAL B 397 12.41 15.12 14.86
CA VAL B 397 12.30 13.78 14.32
C VAL B 397 11.37 12.97 15.22
N GLY B 398 10.29 12.46 14.66
CA GLY B 398 9.35 11.64 15.41
C GLY B 398 9.15 10.27 14.81
N LEU B 399 10.24 9.63 14.39
CA LEU B 399 10.19 8.34 13.71
C LEU B 399 11.28 7.44 14.27
N VAL B 400 10.90 6.22 14.68
CA VAL B 400 11.82 5.25 15.27
C VAL B 400 11.75 3.97 14.44
N LEU B 401 12.90 3.54 13.92
CA LEU B 401 12.99 2.35 13.10
C LEU B 401 13.72 1.24 13.84
N GLN B 402 13.22 0.00 13.70
CA GLN B 402 13.76 -1.17 14.40
C GLN B 402 15.24 -1.39 14.15
N GLY C 1 16.98 -0.88 16.72
CA GLY C 1 17.99 0.01 17.26
C GLY C 1 18.86 0.65 16.20
N GLY C 2 18.84 0.08 15.01
CA GLY C 2 19.67 0.55 13.93
C GLY C 2 20.01 -0.60 13.01
N LYS C 3 21.07 -0.47 12.19
CA LYS C 3 21.69 0.75 11.63
C LYS C 3 22.78 1.50 12.47
N SER C 4 22.61 1.72 13.77
CA SER C 4 23.70 2.36 14.54
C SER C 4 23.84 1.72 15.90
N PHE C 5 25.08 1.39 16.26
CA PHE C 5 25.40 0.73 17.52
C PHE C 5 26.28 1.62 18.38
N SER C 6 25.84 1.88 19.60
CA SER C 6 26.50 2.83 20.49
C SER C 6 26.81 2.18 21.83
N LYS C 7 27.78 2.78 22.53
CA LYS C 7 28.06 2.47 23.93
C LYS C 7 28.46 3.73 24.67
C1 GOL D . -19.04 15.01 -6.75
O1 GOL D . -18.53 16.00 -7.59
C2 GOL D . -17.85 14.53 -5.87
O2 GOL D . -17.47 15.49 -4.95
C3 GOL D . -18.36 13.23 -5.20
O3 GOL D . -18.69 12.36 -6.24
S1 MYA E . -22.70 -0.74 -8.60
C2 MYA E . -23.64 -2.27 -8.87
C3 MYA E . -24.78 -2.45 -7.86
N4 MYA E . -25.25 -3.85 -7.90
C5 MYA E . -26.40 -4.21 -8.48
O5 MYA E . -27.16 -3.42 -9.04
C6 MYA E . -26.71 -5.70 -8.40
C7 MYA E . -28.23 -5.92 -8.33
N8 MYA E . -28.79 -5.19 -7.17
C9 MYA E . -28.61 -5.60 -5.90
O9 MYA E . -27.99 -6.62 -5.57
C10 MYA E . -29.30 -4.73 -4.83
O10 MYA E . -30.44 -4.11 -5.39
C11 MYA E . -28.35 -3.65 -4.26
C12 MYA E . -29.16 -2.72 -3.34
C13 MYA E . -27.72 -2.83 -5.37
C14 MYA E . -27.25 -4.33 -3.43
N1A MYA E . -24.90 1.66 -4.80
O1A MYA E . -30.83 -3.11 0.81
P1A MYA E . -31.66 -2.00 0.26
C1X MYA E . -28.99 2.42 -1.57
C2A MYA E . -24.88 2.37 -3.60
O2A MYA E . -33.06 -1.85 0.73
P2A MYA E . -31.41 -3.43 -2.18
C2M MYA E . -21.52 -1.24 -7.36
O2M MYA E . -21.19 -2.41 -7.16
C2X MYA E . -30.41 2.86 -1.77
O2X MYA E . -30.44 4.11 -2.50
N3A MYA E . -26.07 2.47 -2.86
O3A MYA E . -31.64 -2.06 -1.34
C3M MYA E . -20.92 -0.11 -6.53
C3X MYA E . -30.82 3.06 -0.35
O3X MYA E . -30.11 4.17 0.22
P3X MYA E . -30.96 5.44 0.69
C4A MYA E . -27.19 1.89 -3.33
O4A MYA E . -31.87 -4.58 -1.38
C4M MYA E . -21.66 0.08 -5.20
C4X MYA E . -30.34 1.73 0.22
O4X MYA E . -29.11 1.42 -0.53
C5A MYA E . -27.17 1.23 -4.49
O5A MYA E . -31.99 -3.21 -3.52
C5M MYA E . -20.93 1.14 -4.37
C5X MYA E . -31.32 0.61 -0.10
O5X MYA E . -30.88 -0.61 0.52
C6A MYA E . -26.05 1.11 -5.20
N6A MYA E . -26.14 0.42 -6.33
O6A MYA E . -29.81 -3.47 -2.32
C6M MYA E . -21.53 1.24 -2.97
N7A MYA E . -28.40 0.76 -4.70
O7A MYA E . -31.76 4.88 1.80
C7M MYA E . -21.06 2.53 -2.29
C8A MYA E . -29.17 1.14 -3.69
O8A MYA E . -29.95 6.43 1.09
C8M MYA E . -19.64 2.37 -1.74
N9A MYA E . -28.43 1.84 -2.83
O9A MYA E . -31.75 5.78 -0.50
C9M MYA E . -19.24 3.64 -0.99
CAM MYA E . -17.75 3.58 -0.61
CBM MYA E . -17.56 2.68 0.61
CCM MYA E . -16.06 2.53 0.92
CDM MYA E . -15.53 3.79 1.58
CEM MYA E . -14.01 3.68 1.75
CFM MYA E . -13.47 4.91 2.48
C1 GOL F . 8.32 1.22 12.71
O1 GOL F . 9.08 0.24 12.08
C2 GOL F . 8.11 2.33 11.66
O2 GOL F . 7.34 1.89 10.59
C3 GOL F . 7.42 3.47 12.42
O3 GOL F . 8.17 3.71 13.57
S1 MYA G . 22.16 0.79 7.89
C2 MYA G . 22.95 -0.81 8.34
C3 MYA G . 23.95 -1.25 7.28
N4 MYA G . 24.51 -2.56 7.62
C5 MYA G . 25.59 -2.69 8.40
O5 MYA G . 26.20 -1.75 8.91
C6 MYA G . 26.05 -4.14 8.62
C7 MYA G . 27.58 -4.22 8.62
N8 MYA G . 28.13 -3.74 7.34
C9 MYA G . 27.90 -4.34 6.16
O9 MYA G . 27.22 -5.36 6.03
C10 MYA G . 28.58 -3.70 4.94
O10 MYA G . 29.73 -2.96 5.36
C11 MYA G . 27.62 -2.78 4.16
C12 MYA G . 28.41 -1.93 3.15
C13 MYA G . 26.90 -1.84 5.12
C14 MYA G . 26.59 -3.63 3.41
N1A MYA G . 24.03 2.59 3.68
O1A MYA G . 29.96 -2.94 -1.03
P1A MYA G . 30.84 -1.86 -0.53
C1X MYA G . 28.28 2.80 0.63
C2A MYA G . 24.08 3.04 2.37
O2A MYA G . 32.26 -1.86 -0.90
P2A MYA G . 30.69 -2.92 2.18
C2M MYA G . 20.84 0.20 6.82
O2M MYA G . 20.41 -0.95 6.81
C2X MYA G . 29.70 3.26 0.80
O2X MYA G . 29.72 4.61 1.29
N3A MYA G . 25.31 3.03 1.70
O3A MYA G . 30.66 -1.70 1.09
C3M MYA G . 20.23 1.25 5.89
C3X MYA G . 30.13 3.21 -0.65
O3X MYA G . 29.42 4.17 -1.42
P3X MYA G . 30.25 5.30 -2.18
C4A MYA G . 26.40 2.58 2.34
O4A MYA G . 31.43 -2.02 3.10
C4M MYA G . 20.78 1.05 4.47
C4X MYA G . 29.64 1.81 -0.98
O4X MYA G . 28.44 1.60 -0.16
C5A MYA G . 26.32 2.14 3.60
O5A MYA G . 31.34 -3.76 1.14
C5M MYA G . 19.97 1.87 3.47
C5X MYA G . 30.63 0.76 -0.50
O5X MYA G . 30.21 -0.49 -1.05
C6A MYA G . 25.15 2.14 4.26
N6A MYA G . 25.17 1.70 5.51
O6A MYA G . 29.05 -2.73 2.15
C6M MYA G . 20.61 1.71 2.08
N7A MYA G . 27.53 1.75 3.99
O7A MYA G . 29.15 6.07 -2.83
C7M MYA G . 20.21 2.88 1.17
C8A MYA G . 28.36 1.94 2.96
O8A MYA G . 30.92 6.01 -1.08
C8M MYA G . 18.75 2.75 0.73
N9A MYA G . 27.67 2.46 1.95
O9A MYA G . 31.11 4.57 -3.11
C9M MYA G . 18.44 3.81 -0.33
CAM MYA G . 16.96 3.74 -0.72
CBM MYA G . 16.74 2.59 -1.70
CCM MYA G . 15.23 2.38 -1.94
CDM MYA G . 14.69 3.44 -2.90
CEM MYA G . 13.22 3.17 -3.17
CFM MYA G . 12.55 4.44 -3.71
C1 GOL H . 18.13 15.97 3.54
O1 GOL H . 17.60 17.04 4.27
C2 GOL H . 16.94 15.27 2.85
O2 GOL H . 16.44 16.00 1.78
C3 GOL H . 17.49 13.88 2.41
O3 GOL H . 17.95 13.25 3.55
#